data_8A6V
#
_entry.id   8A6V
#
_cell.length_a   57.400
_cell.length_b   72.400
_cell.length_c   84.900
_cell.angle_alpha   90.000
_cell.angle_beta   101.530
_cell.angle_gamma   90.000
#
_symmetry.space_group_name_H-M   'P 1 21 1'
#
loop_
_entity.id
_entity.type
_entity.pdbx_description
1 polymer 'Isoprenyl diphosphate synthase'
2 non-polymer 'MAGNESIUM ION'
3 non-polymer '3-METHYLBUT-3-ENYL TRIHYDROGEN DIPHOSPHATE'
4 water water
#
_entity_poly.entity_id   1
_entity_poly.type   'polypeptide(L)'
_entity_poly.pdbx_seq_one_letter_code
;GSFSKEESREFMAIFPDIVRDLTDAGRHTDIPEVTKRFAKVLQYNVPTGKKTRGLSTVIAYKMLEKPENLTPENVRLAGI
LGWCVELLQASLLIMDDLMDRSETRRGQPCWYRQENVGFLAINDCLHVESSLYSVLRKYFSHLPCYVPIIELFHDVNFKT
NMGQSLDALCMKDGRPILSQFTMKRYSSIVKYKTSYYTFQLPVSLGMYLADMYDPEQHRQAKTILMEIGEFFQIQDDFLD
AFGDSQVTGKVGTDIKEGKCSWLAVVALQRSNPAQRQIMEEHYGRPEPESTQIIKNLYIELGLPATFAVYEEESFNIIRT
HIHQISKGLPHDLFFKIMKKIYKRDA
;
_entity_poly.pdbx_strand_id   A,B
#
loop_
_chem_comp.id
_chem_comp.type
_chem_comp.name
_chem_comp.formula
IPE non-polymer '3-METHYLBUT-3-ENYL TRIHYDROGEN DIPHOSPHATE' 'C5 H12 O7 P2'
MG non-polymer 'MAGNESIUM ION' 'Mg 2'
#
# COMPACT_ATOMS: atom_id res chain seq x y z
N SER A 2 -30.88 -7.56 -0.19
CA SER A 2 -31.55 -8.52 0.73
C SER A 2 -30.59 -9.01 1.82
N PHE A 3 -29.34 -9.30 1.46
CA PHE A 3 -28.28 -9.85 2.35
C PHE A 3 -28.75 -11.19 2.92
N SER A 4 -29.13 -12.11 2.02
CA SER A 4 -29.66 -13.46 2.34
C SER A 4 -28.52 -14.48 2.37
N LYS A 5 -28.81 -15.69 2.86
CA LYS A 5 -27.85 -16.83 2.91
C LYS A 5 -27.44 -17.20 1.48
N GLU A 6 -28.40 -17.15 0.55
CA GLU A 6 -28.23 -17.51 -0.89
C GLU A 6 -27.18 -16.56 -1.51
N GLU A 7 -27.34 -15.25 -1.30
CA GLU A 7 -26.45 -14.19 -1.84
C GLU A 7 -25.04 -14.37 -1.26
N SER A 8 -24.94 -14.68 0.03
CA SER A 8 -23.67 -14.91 0.77
C SER A 8 -22.92 -16.11 0.19
N ARG A 9 -23.65 -17.21 -0.08
CA ARG A 9 -23.08 -18.46 -0.64
C ARG A 9 -22.54 -18.20 -2.05
N GLU A 10 -23.31 -17.47 -2.86
CA GLU A 10 -22.96 -17.07 -4.26
C GLU A 10 -21.66 -16.27 -4.23
N PHE A 11 -21.55 -15.31 -3.30
CA PHE A 11 -20.37 -14.42 -3.15
C PHE A 11 -19.17 -15.24 -2.68
N MET A 12 -19.31 -16.02 -1.60
CA MET A 12 -18.21 -16.83 -1.01
C MET A 12 -17.65 -17.82 -2.04
N ALA A 13 -18.49 -18.31 -2.97
CA ALA A 13 -18.13 -19.33 -3.99
C ALA A 13 -17.06 -18.78 -4.94
N ILE A 14 -16.96 -17.45 -5.09
CA ILE A 14 -15.99 -16.79 -6.02
C ILE A 14 -14.59 -16.77 -5.39
N PHE A 15 -14.48 -16.78 -4.06
CA PHE A 15 -13.22 -16.52 -3.32
C PHE A 15 -12.09 -17.43 -3.77
N PRO A 16 -12.27 -18.77 -3.88
CA PRO A 16 -11.17 -19.65 -4.30
C PRO A 16 -10.56 -19.27 -5.65
N ASP A 17 -11.39 -18.81 -6.59
CA ASP A 17 -10.96 -18.35 -7.95
C ASP A 17 -10.06 -17.12 -7.78
N ILE A 18 -10.41 -16.19 -6.89
CA ILE A 18 -9.62 -14.96 -6.58
C ILE A 18 -8.23 -15.37 -6.08
N VAL A 19 -8.17 -16.32 -5.15
CA VAL A 19 -6.90 -16.83 -4.55
C VAL A 19 -6.07 -17.50 -5.66
N ARG A 20 -6.71 -18.33 -6.49
CA ARG A 20 -6.05 -19.01 -7.64
C ARG A 20 -5.47 -17.97 -8.61
N ASP A 21 -6.26 -16.93 -8.93
CA ASP A 21 -5.86 -15.85 -9.88
C ASP A 21 -4.58 -15.17 -9.39
N LEU A 22 -4.42 -15.01 -8.06
CA LEU A 22 -3.36 -14.18 -7.45
C LEU A 22 -2.15 -15.04 -7.03
N THR A 23 -2.25 -16.37 -7.07
CA THR A 23 -1.20 -17.29 -6.53
C THR A 23 -0.90 -18.49 -7.44
N ASP A 24 -1.72 -18.77 -8.46
CA ASP A 24 -1.63 -20.01 -9.28
C ASP A 24 -2.34 -19.80 -10.61
N HIS A 28 4.47 -16.48 -11.78
CA HIS A 28 5.57 -16.33 -10.78
C HIS A 28 5.98 -17.70 -10.24
N THR A 29 6.20 -18.66 -11.16
CA THR A 29 6.38 -20.10 -10.86
C THR A 29 7.83 -20.37 -10.43
N ASP A 30 8.70 -19.35 -10.46
CA ASP A 30 10.11 -19.44 -9.98
C ASP A 30 10.20 -19.07 -8.49
N ILE A 31 9.09 -18.65 -7.85
CA ILE A 31 9.07 -18.25 -6.41
C ILE A 31 7.85 -18.85 -5.71
N PRO A 32 7.71 -20.20 -5.70
CA PRO A 32 6.53 -20.83 -5.11
C PRO A 32 6.40 -20.68 -3.58
N GLU A 33 7.51 -20.46 -2.85
CA GLU A 33 7.48 -20.16 -1.40
C GLU A 33 6.59 -18.95 -1.13
N VAL A 34 6.72 -17.91 -1.98
CA VAL A 34 6.08 -16.58 -1.78
C VAL A 34 4.62 -16.66 -2.23
N THR A 35 4.33 -17.36 -3.34
CA THR A 35 2.95 -17.48 -3.88
C THR A 35 2.10 -18.29 -2.90
N LYS A 36 2.65 -19.35 -2.30
CA LYS A 36 1.96 -20.16 -1.26
C LYS A 36 1.76 -19.33 0.00
N ARG A 37 2.75 -18.53 0.41
CA ARG A 37 2.63 -17.63 1.57
C ARG A 37 1.51 -16.62 1.31
N PHE A 38 1.43 -16.07 0.09
CA PHE A 38 0.43 -15.03 -0.26
C PHE A 38 -0.99 -15.63 -0.20
N ALA A 39 -1.15 -16.91 -0.59
CA ALA A 39 -2.43 -17.64 -0.44
C ALA A 39 -2.84 -17.63 1.04
N LYS A 40 -1.89 -17.85 1.96
CA LYS A 40 -2.11 -17.82 3.43
C LYS A 40 -2.53 -16.40 3.85
N VAL A 41 -1.80 -15.38 3.38
CA VAL A 41 -2.11 -13.95 3.66
C VAL A 41 -3.57 -13.68 3.27
N LEU A 42 -3.99 -14.09 2.07
CA LEU A 42 -5.36 -13.83 1.54
C LEU A 42 -6.39 -14.59 2.38
N GLN A 43 -6.14 -15.88 2.68
CA GLN A 43 -7.09 -16.76 3.41
C GLN A 43 -7.33 -16.22 4.83
N TYR A 44 -6.28 -15.74 5.52
CA TYR A 44 -6.36 -15.19 6.90
C TYR A 44 -7.13 -13.86 6.93
N ASN A 45 -6.84 -12.96 5.97
CA ASN A 45 -7.07 -11.51 6.11
C ASN A 45 -8.28 -11.03 5.30
N VAL A 46 -8.75 -11.78 4.29
CA VAL A 46 -9.74 -11.25 3.30
C VAL A 46 -11.17 -11.73 3.60
N PRO A 47 -11.45 -13.05 3.75
CA PRO A 47 -12.85 -13.52 3.71
C PRO A 47 -13.62 -13.82 5.01
N THR A 48 -13.10 -13.47 6.19
CA THR A 48 -13.72 -13.86 7.50
C THR A 48 -14.48 -12.68 8.13
N GLY A 49 -14.65 -11.57 7.41
CA GLY A 49 -15.47 -10.43 7.86
C GLY A 49 -16.95 -10.67 7.58
N LYS A 50 -17.79 -9.65 7.78
CA LYS A 50 -19.25 -9.68 7.50
C LYS A 50 -19.47 -9.59 5.99
N LYS A 51 -18.51 -9.02 5.25
CA LYS A 51 -18.48 -8.93 3.77
C LYS A 51 -19.62 -8.03 3.26
N THR A 52 -20.04 -7.05 4.05
CA THR A 52 -21.16 -6.13 3.73
C THR A 52 -20.80 -5.28 2.50
N ARG A 53 -19.55 -4.82 2.40
CA ARG A 53 -19.06 -3.99 1.27
C ARG A 53 -19.14 -4.81 -0.03
N GLY A 54 -18.60 -6.03 -0.02
CA GLY A 54 -18.63 -6.96 -1.17
C GLY A 54 -20.05 -7.25 -1.61
N LEU A 55 -20.91 -7.66 -0.66
CA LEU A 55 -22.33 -8.04 -0.93
C LEU A 55 -23.11 -6.81 -1.39
N SER A 56 -22.79 -5.63 -0.85
CA SER A 56 -23.40 -4.32 -1.22
C SER A 56 -23.12 -3.99 -2.70
N THR A 57 -21.92 -4.34 -3.20
CA THR A 57 -21.52 -4.15 -4.61
C THR A 57 -22.45 -4.97 -5.51
N VAL A 58 -22.69 -6.24 -5.15
CA VAL A 58 -23.53 -7.19 -5.94
C VAL A 58 -24.99 -6.70 -5.90
N ILE A 59 -25.50 -6.36 -4.72
CA ILE A 59 -26.91 -5.90 -4.53
C ILE A 59 -27.13 -4.59 -5.31
N ALA A 60 -26.19 -3.64 -5.22
CA ALA A 60 -26.23 -2.37 -5.97
C ALA A 60 -26.41 -2.67 -7.47
N TYR A 61 -25.53 -3.51 -8.03
CA TYR A 61 -25.55 -3.87 -9.48
C TYR A 61 -26.90 -4.50 -9.85
N LYS A 62 -27.36 -5.46 -9.05
CA LYS A 62 -28.61 -6.22 -9.30
C LYS A 62 -29.84 -5.30 -9.32
N MET A 63 -29.79 -4.17 -8.60
CA MET A 63 -30.92 -3.21 -8.47
C MET A 63 -30.78 -2.03 -9.44
N LEU A 64 -29.58 -1.83 -10.03
CA LEU A 64 -29.31 -0.71 -10.98
C LEU A 64 -29.39 -1.22 -12.43
N GLU A 65 -28.94 -2.45 -12.68
CA GLU A 65 -28.85 -3.05 -14.05
C GLU A 65 -30.26 -3.36 -14.56
N LYS A 66 -30.45 -3.32 -15.88
CA LYS A 66 -31.70 -3.71 -16.59
C LYS A 66 -31.88 -5.21 -16.40
N PRO A 67 -33.07 -5.68 -15.92
CA PRO A 67 -33.28 -7.10 -15.63
C PRO A 67 -32.79 -8.10 -16.68
N GLU A 68 -32.87 -7.75 -17.97
CA GLU A 68 -32.49 -8.64 -19.10
C GLU A 68 -30.96 -8.83 -19.17
N ASN A 69 -30.19 -7.91 -18.57
CA ASN A 69 -28.70 -7.92 -18.58
C ASN A 69 -28.16 -8.73 -17.39
N LEU A 70 -29.01 -9.08 -16.41
CA LEU A 70 -28.61 -9.83 -15.18
C LEU A 70 -28.42 -11.31 -15.53
N THR A 71 -27.38 -11.63 -16.30
CA THR A 71 -26.96 -13.02 -16.61
C THR A 71 -26.16 -13.56 -15.44
N PRO A 72 -26.00 -14.90 -15.30
CA PRO A 72 -25.10 -15.47 -14.30
C PRO A 72 -23.68 -14.90 -14.39
N GLU A 73 -23.19 -14.63 -15.61
CA GLU A 73 -21.83 -14.10 -15.89
C GLU A 73 -21.70 -12.68 -15.34
N ASN A 74 -22.67 -11.81 -15.64
CA ASN A 74 -22.67 -10.38 -15.23
C ASN A 74 -22.79 -10.28 -13.70
N VAL A 75 -23.61 -11.14 -13.10
CA VAL A 75 -23.79 -11.20 -11.61
C VAL A 75 -22.47 -11.66 -10.97
N ARG A 76 -21.74 -12.56 -11.62
CA ARG A 76 -20.43 -13.04 -11.11
C ARG A 76 -19.40 -11.92 -11.20
N LEU A 77 -19.42 -11.13 -12.29
CA LEU A 77 -18.53 -9.94 -12.46
C LEU A 77 -18.73 -8.98 -11.29
N ALA A 78 -19.99 -8.69 -10.94
CA ALA A 78 -20.36 -7.85 -9.77
C ALA A 78 -19.77 -8.45 -8.48
N GLY A 79 -19.82 -9.78 -8.34
CA GLY A 79 -19.21 -10.52 -7.23
C GLY A 79 -17.70 -10.37 -7.19
N ILE A 80 -17.04 -10.45 -8.34
CA ILE A 80 -15.56 -10.28 -8.46
C ILE A 80 -15.21 -8.85 -8.03
N LEU A 81 -15.96 -7.84 -8.49
CA LEU A 81 -15.79 -6.42 -8.09
C LEU A 81 -15.95 -6.30 -6.57
N GLY A 82 -16.95 -6.98 -6.01
CA GLY A 82 -17.19 -7.04 -4.55
C GLY A 82 -15.95 -7.52 -3.81
N TRP A 83 -15.29 -8.57 -4.32
CA TRP A 83 -14.07 -9.14 -3.71
C TRP A 83 -12.90 -8.16 -3.82
N CYS A 84 -12.87 -7.32 -4.88
CA CYS A 84 -11.86 -6.25 -5.05
C CYS A 84 -12.03 -5.21 -3.93
N VAL A 85 -13.27 -4.92 -3.52
CA VAL A 85 -13.56 -4.01 -2.37
C VAL A 85 -13.08 -4.70 -1.07
N GLU A 86 -13.32 -6.01 -0.94
CA GLU A 86 -12.94 -6.80 0.26
C GLU A 86 -11.40 -6.90 0.34
N LEU A 87 -10.71 -6.96 -0.80
CA LEU A 87 -9.22 -6.92 -0.85
C LEU A 87 -8.73 -5.57 -0.31
N LEU A 88 -9.36 -4.46 -0.72
CA LEU A 88 -9.03 -3.10 -0.20
C LEU A 88 -9.28 -3.07 1.31
N GLN A 89 -10.44 -3.56 1.77
CA GLN A 89 -10.81 -3.65 3.21
C GLN A 89 -9.73 -4.43 3.95
N ALA A 90 -9.35 -5.61 3.47
CA ALA A 90 -8.35 -6.51 4.08
C ALA A 90 -7.03 -5.76 4.31
N SER A 91 -6.54 -5.07 3.27
CA SER A 91 -5.27 -4.31 3.30
C SER A 91 -5.34 -3.20 4.36
N LEU A 92 -6.47 -2.47 4.43
CA LEU A 92 -6.69 -1.35 5.38
C LEU A 92 -6.68 -1.87 6.82
N LEU A 93 -7.34 -3.01 7.10
CA LEU A 93 -7.43 -3.58 8.47
C LEU A 93 -6.06 -4.07 8.94
N ILE A 94 -5.27 -4.72 8.06
CA ILE A 94 -3.88 -5.19 8.38
C ILE A 94 -3.08 -3.98 8.88
N MET A 95 -3.09 -2.89 8.12
CA MET A 95 -2.35 -1.63 8.41
C MET A 95 -2.93 -0.97 9.67
N ASP A 96 -4.26 -0.92 9.78
CA ASP A 96 -4.98 -0.21 10.87
C ASP A 96 -4.65 -0.85 12.23
N ASP A 97 -4.68 -2.18 12.30
CA ASP A 97 -4.44 -2.95 13.55
C ASP A 97 -3.01 -2.70 14.04
N LEU A 98 -2.05 -2.60 13.12
CA LEU A 98 -0.63 -2.27 13.44
C LEU A 98 -0.57 -0.86 14.04
N MET A 99 -1.24 0.11 13.39
CA MET A 99 -1.24 1.55 13.79
C MET A 99 -2.00 1.73 15.11
N ASP A 100 -3.06 0.97 15.34
CA ASP A 100 -3.98 1.13 16.50
C ASP A 100 -3.56 0.19 17.65
N ARG A 101 -2.44 -0.53 17.48
CA ARG A 101 -1.87 -1.45 18.50
C ARG A 101 -2.96 -2.37 19.01
N SER A 102 -3.73 -2.96 18.09
CA SER A 102 -4.92 -3.81 18.38
C SER A 102 -4.48 -5.24 18.69
N GLU A 103 -5.30 -5.98 19.43
CA GLU A 103 -5.05 -7.36 19.89
C GLU A 103 -5.70 -8.36 18.93
N THR A 104 -7.00 -8.18 18.66
CA THR A 104 -7.83 -9.14 17.89
C THR A 104 -8.54 -8.44 16.73
N ARG A 105 -8.80 -9.20 15.67
CA ARG A 105 -9.57 -8.80 14.46
C ARG A 105 -10.38 -10.02 14.00
N ARG A 106 -11.69 -9.87 13.85
CA ARG A 106 -12.61 -10.94 13.36
C ARG A 106 -12.38 -12.21 14.18
N GLY A 107 -12.23 -12.08 15.50
CA GLY A 107 -12.22 -13.19 16.48
C GLY A 107 -10.86 -13.86 16.61
N GLN A 108 -9.81 -13.32 16.00
CA GLN A 108 -8.45 -13.94 15.94
C GLN A 108 -7.38 -12.91 16.27
N PRO A 109 -6.16 -13.32 16.66
CA PRO A 109 -5.06 -12.37 16.86
C PRO A 109 -4.82 -11.60 15.55
N CYS A 110 -4.60 -10.29 15.63
CA CYS A 110 -4.28 -9.41 14.48
C CYS A 110 -3.10 -10.01 13.70
N TRP A 111 -3.12 -9.88 12.38
CA TRP A 111 -2.13 -10.48 11.45
C TRP A 111 -0.70 -10.16 11.91
N TYR A 112 -0.43 -8.90 12.28
CA TYR A 112 0.92 -8.39 12.64
C TYR A 112 1.44 -9.12 13.89
N ARG A 113 0.53 -9.62 14.75
CA ARG A 113 0.89 -10.32 16.01
C ARG A 113 1.25 -11.78 15.77
N GLN A 114 1.00 -12.33 14.57
CA GLN A 114 1.41 -13.70 14.19
C GLN A 114 2.95 -13.77 14.26
N GLU A 115 3.50 -14.93 14.65
CA GLU A 115 4.83 -15.05 15.31
C GLU A 115 5.93 -14.36 14.50
N ASN A 116 6.07 -14.63 13.20
CA ASN A 116 7.18 -14.11 12.35
C ASN A 116 6.63 -13.15 11.29
N VAL A 117 5.61 -12.35 11.64
CA VAL A 117 5.06 -11.28 10.77
C VAL A 117 5.57 -9.93 11.30
N GLY A 118 4.98 -9.40 12.37
CA GLY A 118 5.31 -8.06 12.90
C GLY A 118 5.15 -6.99 11.82
N PHE A 119 6.21 -6.23 11.55
CA PHE A 119 6.21 -5.08 10.60
C PHE A 119 6.14 -5.58 9.15
N LEU A 120 6.38 -6.87 8.90
CA LEU A 120 6.18 -7.53 7.57
C LEU A 120 4.71 -7.36 7.14
N ALA A 121 3.80 -7.13 8.10
CA ALA A 121 2.36 -6.84 7.86
C ALA A 121 2.20 -5.63 6.94
N ILE A 122 3.12 -4.65 7.01
CA ILE A 122 3.10 -3.43 6.15
C ILE A 122 3.24 -3.87 4.69
N ASN A 123 4.18 -4.79 4.41
CA ASN A 123 4.42 -5.34 3.05
C ASN A 123 3.18 -6.11 2.59
N ASP A 124 2.63 -6.97 3.46
CA ASP A 124 1.41 -7.78 3.18
C ASP A 124 0.24 -6.83 2.89
N CYS A 125 0.14 -5.72 3.61
CA CYS A 125 -0.88 -4.65 3.39
C CYS A 125 -0.78 -4.14 1.95
N LEU A 126 0.40 -3.64 1.56
CA LEU A 126 0.70 -3.11 0.20
C LEU A 126 0.39 -4.17 -0.86
N HIS A 127 0.78 -5.42 -0.58
CA HIS A 127 0.64 -6.59 -1.49
C HIS A 127 -0.84 -6.87 -1.77
N VAL A 128 -1.66 -6.93 -0.73
CA VAL A 128 -3.12 -7.25 -0.83
C VAL A 128 -3.81 -6.14 -1.63
N GLU A 129 -3.46 -4.87 -1.37
CA GLU A 129 -4.01 -3.69 -2.08
C GLU A 129 -3.66 -3.80 -3.58
N SER A 130 -2.38 -4.04 -3.90
CA SER A 130 -1.88 -4.18 -5.30
C SER A 130 -2.64 -5.30 -6.01
N SER A 131 -2.95 -6.39 -5.29
CA SER A 131 -3.54 -7.64 -5.84
C SER A 131 -4.91 -7.36 -6.48
N LEU A 132 -5.68 -6.39 -5.97
CA LEU A 132 -7.06 -6.11 -6.49
C LEU A 132 -6.97 -5.61 -7.94
N TYR A 133 -5.88 -4.92 -8.31
CA TYR A 133 -5.68 -4.35 -9.67
C TYR A 133 -5.38 -5.47 -10.67
N SER A 134 -4.73 -6.55 -10.22
CA SER A 134 -4.50 -7.77 -11.04
CA SER A 134 -4.50 -7.77 -11.04
C SER A 134 -5.84 -8.42 -11.36
N VAL A 135 -6.74 -8.48 -10.37
CA VAL A 135 -8.11 -9.07 -10.52
C VAL A 135 -8.89 -8.22 -11.53
N LEU A 136 -8.87 -6.89 -11.38
CA LEU A 136 -9.58 -5.95 -12.28
C LEU A 136 -9.07 -6.12 -13.71
N ARG A 137 -7.76 -6.23 -13.89
CA ARG A 137 -7.11 -6.44 -15.21
C ARG A 137 -7.62 -7.74 -15.86
N LYS A 138 -7.67 -8.84 -15.11
CA LYS A 138 -8.05 -10.17 -15.65
C LYS A 138 -9.49 -10.13 -16.18
N TYR A 139 -10.44 -9.52 -15.46
CA TYR A 139 -11.90 -9.70 -15.68
C TYR A 139 -12.56 -8.48 -16.35
N PHE A 140 -11.97 -7.28 -16.28
CA PHE A 140 -12.67 -6.02 -16.67
C PHE A 140 -11.91 -5.22 -17.75
N SER A 141 -10.70 -5.63 -18.14
CA SER A 141 -9.79 -4.82 -18.99
C SER A 141 -10.39 -4.59 -20.39
N HIS A 142 -11.30 -5.46 -20.84
CA HIS A 142 -11.92 -5.42 -22.19
C HIS A 142 -13.25 -4.64 -22.16
N LEU A 143 -13.67 -4.12 -21.01
CA LEU A 143 -15.01 -3.50 -20.83
C LEU A 143 -14.88 -1.98 -20.73
N PRO A 144 -15.89 -1.22 -21.22
CA PRO A 144 -15.88 0.25 -21.14
C PRO A 144 -15.73 0.81 -19.72
N CYS A 145 -16.13 0.05 -18.69
CA CYS A 145 -16.14 0.49 -17.26
C CYS A 145 -14.74 0.35 -16.62
N TYR A 146 -13.76 -0.21 -17.33
CA TYR A 146 -12.42 -0.55 -16.78
C TYR A 146 -11.74 0.68 -16.18
N VAL A 147 -11.54 1.73 -16.98
CA VAL A 147 -10.78 2.95 -16.56
C VAL A 147 -11.55 3.68 -15.46
N PRO A 148 -12.87 3.95 -15.61
CA PRO A 148 -13.65 4.53 -14.50
C PRO A 148 -13.47 3.76 -13.18
N ILE A 149 -13.49 2.42 -13.23
CA ILE A 149 -13.37 1.54 -12.03
C ILE A 149 -11.97 1.67 -11.44
N ILE A 150 -10.92 1.58 -12.27
CA ILE A 150 -9.49 1.78 -11.84
C ILE A 150 -9.36 3.13 -11.13
N GLU A 151 -9.85 4.19 -11.77
CA GLU A 151 -9.70 5.59 -11.29
C GLU A 151 -10.46 5.76 -9.97
N LEU A 152 -11.59 5.07 -9.80
CA LEU A 152 -12.41 5.12 -8.55
C LEU A 152 -11.60 4.48 -7.41
N PHE A 153 -11.05 3.28 -7.63
CA PHE A 153 -10.21 2.57 -6.63
C PHE A 153 -9.02 3.46 -6.25
N HIS A 154 -8.33 4.05 -7.24
CA HIS A 154 -7.17 4.96 -7.04
C HIS A 154 -7.59 6.12 -6.13
N ASP A 155 -8.66 6.82 -6.49
CA ASP A 155 -9.14 8.04 -5.80
C ASP A 155 -9.60 7.69 -4.37
N VAL A 156 -10.41 6.64 -4.22
CA VAL A 156 -10.95 6.19 -2.90
C VAL A 156 -9.78 5.80 -2.00
N ASN A 157 -8.81 5.06 -2.54
CA ASN A 157 -7.56 4.63 -1.83
C ASN A 157 -6.86 5.87 -1.28
N PHE A 158 -6.62 6.88 -2.13
CA PHE A 158 -5.92 8.14 -1.78
C PHE A 158 -6.69 8.86 -0.66
N LYS A 159 -8.00 9.04 -0.85
CA LYS A 159 -8.90 9.73 0.13
C LYS A 159 -8.87 8.99 1.48
N THR A 160 -8.86 7.65 1.47
CA THR A 160 -8.85 6.83 2.70
C THR A 160 -7.54 7.05 3.47
N ASN A 161 -6.41 7.09 2.77
CA ASN A 161 -5.08 7.38 3.37
C ASN A 161 -5.12 8.76 4.05
N MET A 162 -5.75 9.76 3.40
CA MET A 162 -5.89 11.13 3.94
C MET A 162 -6.70 11.10 5.23
N GLY A 163 -7.82 10.36 5.24
CA GLY A 163 -8.68 10.14 6.42
C GLY A 163 -7.93 9.50 7.57
N GLN A 164 -7.14 8.46 7.28
CA GLN A 164 -6.34 7.71 8.29
C GLN A 164 -5.30 8.63 8.92
N SER A 165 -4.71 9.55 8.15
CA SER A 165 -3.73 10.54 8.66
C SER A 165 -4.43 11.52 9.61
N LEU A 166 -5.59 12.06 9.23
CA LEU A 166 -6.36 12.99 10.10
C LEU A 166 -6.73 12.27 11.40
N ASP A 167 -7.12 10.99 11.29
CA ASP A 167 -7.48 10.11 12.45
C ASP A 167 -6.28 10.02 13.40
N ALA A 168 -5.07 9.87 12.86
CA ALA A 168 -3.82 9.61 13.62
C ALA A 168 -3.27 10.90 14.25
N LEU A 169 -3.69 12.08 13.78
CA LEU A 169 -3.24 13.39 14.31
C LEU A 169 -4.09 13.79 15.53
N CYS A 170 -4.83 12.84 16.11
CA CYS A 170 -5.61 13.00 17.36
C CYS A 170 -4.67 13.27 18.54
N MET A 171 -3.44 12.75 18.48
CA MET A 171 -2.40 12.86 19.54
C MET A 171 -1.18 13.60 18.99
N LYS A 172 -0.51 14.38 19.85
CA LYS A 172 0.89 14.85 19.65
C LYS A 172 1.61 14.86 21.00
N ASP A 173 2.83 14.33 21.05
CA ASP A 173 3.68 14.23 22.26
C ASP A 173 2.98 13.38 23.32
N GLY A 174 2.17 12.40 22.89
CA GLY A 174 1.52 11.39 23.77
C GLY A 174 0.25 11.90 24.44
N ARG A 175 -0.18 13.14 24.15
CA ARG A 175 -1.41 13.74 24.73
C ARG A 175 -2.41 14.08 23.62
N PRO A 176 -3.72 13.87 23.85
CA PRO A 176 -4.74 14.20 22.85
C PRO A 176 -4.98 15.72 22.74
N ILE A 177 -5.30 16.19 21.54
CA ILE A 177 -5.58 17.63 21.23
C ILE A 177 -7.09 17.87 21.43
N LEU A 178 -7.55 17.79 22.67
CA LEU A 178 -9.00 17.78 23.06
C LEU A 178 -9.69 19.07 22.57
N SER A 179 -8.98 20.19 22.54
CA SER A 179 -9.51 21.51 22.09
C SER A 179 -9.96 21.44 20.62
N GLN A 180 -9.39 20.52 19.84
CA GLN A 180 -9.65 20.34 18.39
C GLN A 180 -10.73 19.27 18.16
N PHE A 181 -11.13 18.53 19.20
CA PHE A 181 -12.11 17.42 19.12
C PHE A 181 -13.53 18.00 18.98
N THR A 182 -13.84 18.49 17.78
CA THR A 182 -15.14 19.12 17.43
C THR A 182 -15.92 18.14 16.53
N MET A 183 -17.24 18.32 16.43
CA MET A 183 -18.10 17.50 15.53
C MET A 183 -17.71 17.78 14.08
N LYS A 184 -17.20 18.98 13.79
CA LYS A 184 -16.68 19.39 12.46
C LYS A 184 -15.50 18.51 12.07
N ARG A 185 -14.50 18.39 12.95
CA ARG A 185 -13.30 17.53 12.75
C ARG A 185 -13.76 16.07 12.59
N TYR A 186 -14.67 15.60 13.44
CA TYR A 186 -15.17 14.21 13.43
C TYR A 186 -15.77 13.88 12.07
N SER A 187 -16.67 14.73 11.57
CA SER A 187 -17.39 14.54 10.28
C SER A 187 -16.37 14.45 9.13
N SER A 188 -15.29 15.24 9.18
CA SER A 188 -14.21 15.26 8.16
C SER A 188 -13.44 13.93 8.19
N ILE A 189 -13.06 13.46 9.40
CA ILE A 189 -12.32 12.17 9.59
C ILE A 189 -13.10 11.05 8.91
N VAL A 190 -14.38 10.88 9.29
CA VAL A 190 -15.21 9.68 8.97
C VAL A 190 -15.54 9.67 7.47
N LYS A 191 -15.78 10.84 6.89
CA LYS A 191 -16.07 11.01 5.43
C LYS A 191 -14.93 10.40 4.61
N TYR A 192 -13.69 10.74 4.94
CA TYR A 192 -12.47 10.32 4.19
C TYR A 192 -12.01 8.93 4.63
N LYS A 193 -12.05 8.65 5.94
CA LYS A 193 -11.52 7.40 6.55
C LYS A 193 -12.44 6.21 6.23
N THR A 194 -13.76 6.39 6.23
CA THR A 194 -14.77 5.29 6.23
C THR A 194 -15.74 5.41 5.04
N SER A 195 -16.41 6.55 4.88
CA SER A 195 -17.63 6.70 4.04
C SER A 195 -17.33 6.39 2.57
N TYR A 196 -16.24 6.94 2.02
CA TYR A 196 -15.88 6.81 0.58
C TYR A 196 -15.71 5.33 0.21
N TYR A 197 -14.92 4.57 0.97
CA TYR A 197 -14.52 3.18 0.60
C TYR A 197 -15.59 2.17 1.04
N THR A 198 -16.34 2.46 2.11
CA THR A 198 -17.31 1.50 2.72
C THR A 198 -18.66 1.57 1.99
N PHE A 199 -19.11 2.75 1.56
CA PHE A 199 -20.48 2.96 1.04
C PHE A 199 -20.47 3.50 -0.40
N GLN A 200 -19.74 4.59 -0.66
CA GLN A 200 -19.71 5.21 -2.02
C GLN A 200 -19.11 4.20 -3.02
N LEU A 201 -18.01 3.53 -2.65
CA LEU A 201 -17.23 2.66 -3.58
C LEU A 201 -18.11 1.50 -4.06
N PRO A 202 -18.73 0.68 -3.18
CA PRO A 202 -19.61 -0.40 -3.65
C PRO A 202 -20.72 0.04 -4.61
N VAL A 203 -21.42 1.14 -4.32
CA VAL A 203 -22.58 1.62 -5.13
C VAL A 203 -22.08 2.15 -6.47
N SER A 204 -21.03 2.98 -6.47
CA SER A 204 -20.42 3.57 -7.71
C SER A 204 -19.93 2.45 -8.62
N LEU A 205 -19.36 1.39 -8.06
CA LEU A 205 -18.90 0.19 -8.82
C LEU A 205 -20.11 -0.48 -9.49
N GLY A 206 -21.20 -0.69 -8.74
CA GLY A 206 -22.47 -1.22 -9.25
C GLY A 206 -23.01 -0.38 -10.39
N MET A 207 -22.95 0.95 -10.25
CA MET A 207 -23.39 1.93 -11.29
C MET A 207 -22.51 1.79 -12.54
N TYR A 208 -21.19 1.78 -12.38
CA TYR A 208 -20.22 1.68 -13.50
C TYR A 208 -20.42 0.37 -14.26
N LEU A 209 -20.58 -0.76 -13.56
CA LEU A 209 -20.76 -2.09 -14.19
C LEU A 209 -22.09 -2.12 -14.97
N ALA A 210 -23.08 -1.33 -14.53
CA ALA A 210 -24.38 -1.13 -15.23
C ALA A 210 -24.27 0.02 -16.24
N ASP A 211 -23.05 0.47 -16.54
CA ASP A 211 -22.73 1.53 -17.54
C ASP A 211 -23.54 2.80 -17.25
N MET A 212 -23.60 3.20 -15.97
CA MET A 212 -24.24 4.47 -15.51
C MET A 212 -23.13 5.45 -15.08
N TYR A 213 -22.83 6.44 -15.94
CA TYR A 213 -21.67 7.35 -15.79
C TYR A 213 -22.14 8.80 -15.55
N ASP A 214 -23.44 9.04 -15.44
CA ASP A 214 -24.04 10.38 -15.21
C ASP A 214 -23.51 10.93 -13.88
N PRO A 215 -22.74 12.05 -13.87
CA PRO A 215 -22.14 12.57 -12.64
C PRO A 215 -23.17 12.98 -11.58
N GLU A 216 -24.34 13.47 -12.02
CA GLU A 216 -25.46 13.89 -11.14
C GLU A 216 -26.01 12.67 -10.38
N GLN A 217 -26.07 11.52 -11.06
CA GLN A 217 -26.57 10.23 -10.50
C GLN A 217 -25.61 9.78 -9.38
N HIS A 218 -24.31 9.86 -9.63
CA HIS A 218 -23.23 9.54 -8.65
C HIS A 218 -23.27 10.53 -7.48
N ARG A 219 -23.52 11.81 -7.77
CA ARG A 219 -23.59 12.91 -6.75
C ARG A 219 -24.78 12.68 -5.82
N GLN A 220 -25.92 12.25 -6.37
CA GLN A 220 -27.17 11.94 -5.60
C GLN A 220 -26.89 10.79 -4.64
N ALA A 221 -26.25 9.72 -5.12
CA ALA A 221 -25.83 8.53 -4.33
C ALA A 221 -24.85 8.97 -3.24
N LYS A 222 -23.86 9.80 -3.60
CA LYS A 222 -22.78 10.29 -2.70
C LYS A 222 -23.41 11.00 -1.48
N THR A 223 -24.34 11.92 -1.70
CA THR A 223 -25.03 12.72 -0.66
C THR A 223 -25.57 11.79 0.43
N ILE A 224 -26.36 10.78 0.07
CA ILE A 224 -27.00 9.84 1.04
C ILE A 224 -25.93 8.93 1.65
N LEU A 225 -25.01 8.40 0.84
CA LEU A 225 -24.03 7.39 1.28
C LEU A 225 -23.01 8.00 2.26
N MET A 226 -22.78 9.32 2.19
CA MET A 226 -21.92 10.04 3.17
C MET A 226 -22.65 10.12 4.52
N GLU A 227 -23.97 10.31 4.52
CA GLU A 227 -24.82 10.31 5.74
C GLU A 227 -24.81 8.92 6.37
N ILE A 228 -24.98 7.87 5.56
CA ILE A 228 -25.00 6.44 6.00
C ILE A 228 -23.61 6.11 6.58
N GLY A 229 -22.55 6.58 5.94
CA GLY A 229 -21.15 6.36 6.35
C GLY A 229 -20.87 6.90 7.74
N GLU A 230 -21.32 8.13 8.02
CA GLU A 230 -21.10 8.80 9.33
C GLU A 230 -21.83 8.00 10.42
N PHE A 231 -23.10 7.68 10.17
CA PHE A 231 -23.97 6.84 11.02
C PHE A 231 -23.22 5.55 11.38
N PHE A 232 -22.71 4.84 10.36
CA PHE A 232 -22.00 3.54 10.49
C PHE A 232 -20.78 3.68 11.41
N GLN A 233 -20.01 4.77 11.26
CA GLN A 233 -18.74 4.97 12.02
C GLN A 233 -19.06 5.34 13.46
N ILE A 234 -20.13 6.10 13.70
CA ILE A 234 -20.60 6.45 15.07
C ILE A 234 -20.99 5.15 15.80
N GLN A 235 -21.65 4.22 15.10
CA GLN A 235 -21.97 2.86 15.63
C GLN A 235 -20.67 2.13 16.00
N ASP A 236 -19.67 2.17 15.12
CA ASP A 236 -18.36 1.50 15.31
C ASP A 236 -17.66 2.09 16.54
N ASP A 237 -17.68 3.43 16.67
CA ASP A 237 -17.07 4.16 17.82
C ASP A 237 -17.74 3.71 19.12
N PHE A 238 -19.07 3.57 19.13
CA PHE A 238 -19.85 3.10 20.30
C PHE A 238 -19.43 1.68 20.67
N LEU A 239 -19.32 0.79 19.68
CA LEU A 239 -18.97 -0.65 19.89
C LEU A 239 -17.54 -0.76 20.43
N ASP A 240 -16.65 0.20 20.13
CA ASP A 240 -15.25 0.21 20.60
C ASP A 240 -15.21 0.25 22.13
N ALA A 241 -16.09 1.06 22.74
CA ALA A 241 -16.14 1.29 24.20
C ALA A 241 -17.11 0.32 24.89
N PHE A 242 -18.26 0.04 24.26
CA PHE A 242 -19.44 -0.59 24.90
C PHE A 242 -19.86 -1.90 24.21
N GLY A 243 -19.14 -2.33 23.18
CA GLY A 243 -19.41 -3.61 22.48
C GLY A 243 -18.86 -4.79 23.24
N ASP A 244 -19.30 -6.01 22.89
CA ASP A 244 -18.76 -7.30 23.40
C ASP A 244 -17.74 -7.81 22.39
N SER A 245 -16.47 -7.94 22.80
CA SER A 245 -15.33 -8.36 21.93
C SER A 245 -15.59 -9.75 21.34
N GLN A 246 -16.36 -10.60 22.03
CA GLN A 246 -16.74 -11.96 21.57
C GLN A 246 -17.68 -11.87 20.36
N VAL A 247 -18.44 -10.78 20.24
CA VAL A 247 -19.45 -10.55 19.15
C VAL A 247 -18.81 -9.69 18.05
N THR A 248 -18.16 -8.59 18.42
CA THR A 248 -17.50 -7.65 17.47
C THR A 248 -16.27 -8.32 16.85
N GLY A 249 -15.64 -9.25 17.59
CA GLY A 249 -14.43 -9.97 17.16
C GLY A 249 -13.16 -9.15 17.36
N LYS A 250 -13.25 -8.01 18.05
CA LYS A 250 -12.11 -7.07 18.24
C LYS A 250 -12.18 -6.42 19.62
N VAL A 251 -11.01 -6.06 20.16
CA VAL A 251 -10.85 -5.33 21.46
C VAL A 251 -10.60 -3.85 21.14
N GLY A 252 -11.42 -2.96 21.72
CA GLY A 252 -11.36 -1.51 21.47
C GLY A 252 -10.08 -0.88 22.03
N THR A 253 -9.53 0.11 21.32
CA THR A 253 -8.28 0.83 21.69
C THR A 253 -8.45 2.35 21.54
N ASP A 254 -9.66 2.85 21.23
CA ASP A 254 -9.90 4.27 20.90
C ASP A 254 -9.48 5.18 22.07
N ILE A 255 -9.90 4.83 23.30
CA ILE A 255 -9.60 5.63 24.52
C ILE A 255 -8.07 5.68 24.73
N LYS A 256 -7.43 4.51 24.73
CA LYS A 256 -5.96 4.35 24.96
C LYS A 256 -5.18 5.11 23.88
N GLU A 257 -5.66 5.11 22.64
CA GLU A 257 -4.96 5.73 21.47
C GLU A 257 -5.37 7.21 21.33
N GLY A 258 -6.25 7.70 22.21
CA GLY A 258 -6.65 9.12 22.30
C GLY A 258 -7.38 9.58 21.05
N LYS A 259 -8.21 8.72 20.46
CA LYS A 259 -8.90 8.95 19.16
C LYS A 259 -9.96 10.04 19.33
N CYS A 260 -10.15 10.86 18.30
CA CYS A 260 -11.29 11.81 18.17
C CYS A 260 -12.53 11.00 17.73
N SER A 261 -13.02 10.14 18.63
CA SER A 261 -14.21 9.29 18.42
C SER A 261 -15.47 10.11 18.74
N TRP A 262 -16.63 9.65 18.26
CA TRP A 262 -17.95 10.27 18.54
C TRP A 262 -18.14 10.38 20.06
N LEU A 263 -17.77 9.34 20.81
CA LEU A 263 -17.90 9.30 22.29
C LEU A 263 -17.07 10.43 22.93
N ALA A 264 -15.82 10.60 22.50
CA ALA A 264 -14.89 11.65 23.02
C ALA A 264 -15.46 13.04 22.71
N VAL A 265 -15.94 13.26 21.49
CA VAL A 265 -16.50 14.56 21.02
C VAL A 265 -17.73 14.91 21.86
N VAL A 266 -18.68 13.98 21.98
CA VAL A 266 -19.96 14.17 22.73
C VAL A 266 -19.67 14.33 24.22
N ALA A 267 -18.71 13.57 24.76
CA ALA A 267 -18.30 13.63 26.18
C ALA A 267 -17.82 15.04 26.52
N LEU A 268 -17.04 15.66 25.63
CA LEU A 268 -16.49 17.03 25.81
C LEU A 268 -17.63 18.07 25.70
N GLN A 269 -18.62 17.81 24.85
CA GLN A 269 -19.83 18.69 24.69
C GLN A 269 -20.65 18.67 25.98
N ARG A 270 -20.75 17.52 26.66
CA ARG A 270 -21.67 17.29 27.81
C ARG A 270 -20.94 17.44 29.15
N SER A 271 -19.61 17.49 29.15
CA SER A 271 -18.77 17.50 30.38
C SER A 271 -18.88 18.85 31.09
N ASN A 272 -18.96 18.83 32.42
CA ASN A 272 -18.72 20.02 33.30
C ASN A 272 -17.22 20.19 33.45
N PRO A 273 -16.71 21.34 33.97
CA PRO A 273 -15.27 21.55 34.14
C PRO A 273 -14.49 20.40 34.79
N ALA A 274 -15.03 19.80 35.86
CA ALA A 274 -14.41 18.67 36.60
C ALA A 274 -14.27 17.46 35.68
N GLN A 275 -15.29 17.19 34.86
CA GLN A 275 -15.33 16.04 33.91
C GLN A 275 -14.38 16.30 32.73
N ARG A 276 -14.29 17.55 32.26
CA ARG A 276 -13.32 17.98 31.23
C ARG A 276 -11.89 17.69 31.73
N GLN A 277 -11.62 17.94 33.01
CA GLN A 277 -10.27 17.74 33.63
C GLN A 277 -9.96 16.25 33.74
N ILE A 278 -10.97 15.38 33.88
CA ILE A 278 -10.78 13.89 33.88
C ILE A 278 -10.33 13.47 32.47
N MET A 279 -10.94 14.01 31.41
CA MET A 279 -10.54 13.75 29.99
C MET A 279 -9.10 14.22 29.78
N GLU A 280 -8.79 15.45 30.19
CA GLU A 280 -7.43 16.07 30.07
C GLU A 280 -6.38 15.14 30.70
N GLU A 281 -6.69 14.57 31.86
CA GLU A 281 -5.72 13.80 32.69
C GLU A 281 -5.57 12.37 32.15
N HIS A 282 -6.66 11.72 31.74
CA HIS A 282 -6.73 10.24 31.59
C HIS A 282 -7.00 9.79 30.14
N TYR A 283 -7.47 10.65 29.24
CA TYR A 283 -7.73 10.26 27.83
C TYR A 283 -6.39 10.08 27.10
N GLY A 284 -6.29 9.01 26.29
CA GLY A 284 -5.11 8.70 25.46
C GLY A 284 -3.90 8.30 26.29
N ARG A 285 -4.11 7.47 27.31
CA ARG A 285 -3.05 6.93 28.20
C ARG A 285 -2.89 5.44 27.96
N PRO A 286 -1.65 4.89 28.05
CA PRO A 286 -1.46 3.45 27.94
C PRO A 286 -1.95 2.64 29.15
N GLU A 287 -2.07 3.25 30.33
CA GLU A 287 -2.44 2.55 31.59
C GLU A 287 -3.90 2.11 31.52
N PRO A 288 -4.21 0.81 31.75
CA PRO A 288 -5.58 0.30 31.73
C PRO A 288 -6.55 1.03 32.68
N GLU A 289 -6.08 1.44 33.86
CA GLU A 289 -6.93 2.13 34.87
C GLU A 289 -7.42 3.47 34.31
N SER A 290 -6.65 4.11 33.44
CA SER A 290 -7.03 5.38 32.75
C SER A 290 -8.17 5.12 31.76
N THR A 291 -8.12 4.00 31.04
CA THR A 291 -9.20 3.56 30.10
C THR A 291 -10.50 3.36 30.90
N GLN A 292 -10.42 2.75 32.09
CA GLN A 292 -11.60 2.46 32.94
C GLN A 292 -12.20 3.78 33.46
N ILE A 293 -11.35 4.74 33.85
CA ILE A 293 -11.78 6.07 34.37
C ILE A 293 -12.56 6.82 33.26
N ILE A 294 -12.12 6.72 32.01
CA ILE A 294 -12.80 7.36 30.84
C ILE A 294 -14.13 6.63 30.59
N LYS A 295 -14.13 5.29 30.55
CA LYS A 295 -15.36 4.50 30.33
C LYS A 295 -16.38 4.85 31.42
N ASN A 296 -15.92 4.97 32.67
CA ASN A 296 -16.74 5.39 33.84
C ASN A 296 -17.40 6.74 33.56
N LEU A 297 -16.62 7.71 33.06
CA LEU A 297 -17.11 9.07 32.73
C LEU A 297 -18.17 8.98 31.64
N TYR A 298 -17.90 8.20 30.58
CA TYR A 298 -18.85 7.96 29.46
C TYR A 298 -20.17 7.43 30.03
N ILE A 299 -20.09 6.51 30.99
CA ILE A 299 -21.28 5.89 31.66
C ILE A 299 -22.00 6.96 32.50
N GLU A 300 -21.26 7.73 33.31
CA GLU A 300 -21.85 8.78 34.20
C GLU A 300 -22.56 9.85 33.35
N LEU A 301 -22.00 10.19 32.18
CA LEU A 301 -22.55 11.21 31.26
C LEU A 301 -23.76 10.67 30.48
N GLY A 302 -24.04 9.36 30.60
CA GLY A 302 -25.18 8.70 29.93
C GLY A 302 -25.00 8.62 28.43
N LEU A 303 -23.78 8.33 27.97
CA LEU A 303 -23.45 8.24 26.52
C LEU A 303 -24.09 7.01 25.88
N PRO A 304 -24.25 5.87 26.58
CA PRO A 304 -25.02 4.75 26.03
C PRO A 304 -26.44 5.15 25.62
N ALA A 305 -27.16 5.87 26.49
CA ALA A 305 -28.52 6.39 26.24
C ALA A 305 -28.48 7.45 25.14
N THR A 306 -27.50 8.37 25.18
CA THR A 306 -27.29 9.44 24.16
C THR A 306 -27.10 8.78 22.79
N PHE A 307 -26.31 7.71 22.71
CA PHE A 307 -26.06 6.96 21.44
C PHE A 307 -27.37 6.36 20.93
N ALA A 308 -28.15 5.72 21.80
CA ALA A 308 -29.42 5.03 21.44
C ALA A 308 -30.39 6.04 20.81
N VAL A 309 -30.50 7.24 21.38
CA VAL A 309 -31.36 8.35 20.84
C VAL A 309 -30.81 8.77 19.46
N TYR A 310 -29.49 9.00 19.36
CA TYR A 310 -28.84 9.41 18.09
C TYR A 310 -29.18 8.39 16.99
N GLU A 311 -28.97 7.10 17.29
CA GLU A 311 -29.11 5.99 16.30
C GLU A 311 -30.55 5.94 15.76
N GLU A 312 -31.54 5.98 16.66
CA GLU A 312 -32.98 5.90 16.29
C GLU A 312 -33.36 7.13 15.45
N GLU A 313 -32.99 8.34 15.91
CA GLU A 313 -33.35 9.62 15.24
C GLU A 313 -32.64 9.70 13.88
N SER A 314 -31.35 9.33 13.81
CA SER A 314 -30.54 9.34 12.56
C SER A 314 -31.12 8.35 11.55
N PHE A 315 -31.50 7.16 11.99
CA PHE A 315 -32.17 6.11 11.17
C PHE A 315 -33.40 6.75 10.48
N ASN A 316 -34.23 7.45 11.25
CA ASN A 316 -35.48 8.11 10.76
C ASN A 316 -35.13 9.24 9.79
N ILE A 317 -34.15 10.09 10.15
CA ILE A 317 -33.70 11.26 9.33
C ILE A 317 -33.18 10.75 7.98
N ILE A 318 -32.30 9.74 8.00
CA ILE A 318 -31.68 9.16 6.77
C ILE A 318 -32.79 8.55 5.90
N ARG A 319 -33.75 7.83 6.49
CA ARG A 319 -34.89 7.20 5.77
C ARG A 319 -35.72 8.30 5.09
N THR A 320 -35.90 9.45 5.75
CA THR A 320 -36.62 10.64 5.20
C THR A 320 -35.85 11.18 3.99
N HIS A 321 -34.52 11.24 4.07
CA HIS A 321 -33.63 11.76 2.99
C HIS A 321 -33.63 10.79 1.80
N ILE A 322 -33.69 9.47 2.05
CA ILE A 322 -33.75 8.42 0.99
C ILE A 322 -35.05 8.59 0.19
N HIS A 323 -36.17 8.87 0.86
CA HIS A 323 -37.50 9.09 0.23
C HIS A 323 -37.44 10.28 -0.76
N GLN A 324 -36.52 11.22 -0.54
CA GLN A 324 -36.37 12.46 -1.36
C GLN A 324 -35.35 12.26 -2.49
N ILE A 325 -34.68 11.10 -2.55
CA ILE A 325 -33.68 10.76 -3.62
C ILE A 325 -34.41 10.76 -4.97
N SER A 326 -33.80 11.36 -5.99
CA SER A 326 -34.30 11.46 -7.38
C SER A 326 -33.29 10.77 -8.32
N LYS A 327 -33.27 11.16 -9.60
CA LYS A 327 -32.23 10.76 -10.59
C LYS A 327 -32.29 9.24 -10.84
N GLY A 328 -33.47 8.64 -10.71
CA GLY A 328 -33.74 7.23 -11.07
C GLY A 328 -32.97 6.22 -10.23
N LEU A 329 -32.57 6.60 -9.01
CA LEU A 329 -31.86 5.69 -8.06
C LEU A 329 -32.90 4.87 -7.29
N PRO A 330 -32.78 3.53 -7.25
CA PRO A 330 -33.72 2.70 -6.50
C PRO A 330 -33.62 2.98 -4.99
N HIS A 331 -34.69 3.51 -4.40
CA HIS A 331 -34.80 3.84 -2.95
C HIS A 331 -34.47 2.61 -2.10
N ASP A 332 -34.92 1.42 -2.53
CA ASP A 332 -34.85 0.16 -1.76
C ASP A 332 -33.40 -0.25 -1.52
N LEU A 333 -32.48 0.05 -2.44
CA LEU A 333 -31.03 -0.23 -2.27
C LEU A 333 -30.55 0.40 -0.96
N PHE A 334 -30.90 1.67 -0.74
CA PHE A 334 -30.45 2.50 0.41
C PHE A 334 -31.16 2.04 1.70
N PHE A 335 -32.45 1.67 1.60
CA PHE A 335 -33.24 1.12 2.74
C PHE A 335 -32.63 -0.22 3.18
N LYS A 336 -32.21 -1.05 2.23
CA LYS A 336 -31.62 -2.40 2.50
C LYS A 336 -30.27 -2.23 3.22
N ILE A 337 -29.46 -1.26 2.81
CA ILE A 337 -28.16 -0.93 3.46
C ILE A 337 -28.43 -0.49 4.90
N MET A 338 -29.39 0.42 5.13
CA MET A 338 -29.72 0.97 6.47
C MET A 338 -30.33 -0.14 7.35
N LYS A 339 -31.19 -0.99 6.78
CA LYS A 339 -31.81 -2.13 7.50
C LYS A 339 -30.71 -3.10 7.97
N LYS A 340 -29.68 -3.32 7.14
CA LYS A 340 -28.55 -4.25 7.44
C LYS A 340 -27.77 -3.76 8.66
N ILE A 341 -27.56 -2.45 8.82
CA ILE A 341 -26.61 -1.88 9.83
C ILE A 341 -27.35 -1.34 11.07
N TYR A 342 -28.64 -0.96 10.97
CA TYR A 342 -29.42 -0.38 12.09
C TYR A 342 -29.42 -1.36 13.28
N LYS A 343 -29.00 -0.86 14.45
CA LYS A 343 -28.96 -1.60 15.76
C LYS A 343 -27.99 -2.79 15.68
N ARG A 344 -26.98 -2.76 14.81
CA ARG A 344 -25.96 -3.84 14.71
C ARG A 344 -25.13 -3.86 16.01
N ASP A 345 -24.66 -5.05 16.41
CA ASP A 345 -23.80 -5.25 17.59
C ASP A 345 -22.41 -5.76 17.15
N ALA A 346 -22.13 -5.74 15.84
CA ALA A 346 -20.82 -6.13 15.25
C ALA A 346 -20.67 -5.52 13.86
N PHE B 3 24.06 10.96 -15.80
CA PHE B 3 24.27 11.30 -14.35
C PHE B 3 24.77 12.74 -14.19
N SER B 4 24.62 13.59 -15.21
CA SER B 4 25.22 14.96 -15.26
C SER B 4 24.44 15.90 -14.33
N LYS B 5 25.07 17.00 -13.93
CA LYS B 5 24.50 18.01 -12.98
C LYS B 5 23.29 18.70 -13.63
N GLU B 6 23.32 18.90 -14.96
CA GLU B 6 22.26 19.58 -15.74
C GLU B 6 21.02 18.68 -15.82
N GLU B 7 21.21 17.37 -15.98
CA GLU B 7 20.12 16.35 -15.99
C GLU B 7 19.40 16.36 -14.64
N SER B 8 20.17 16.41 -13.54
CA SER B 8 19.66 16.45 -12.14
C SER B 8 18.83 17.72 -11.92
N ARG B 9 19.31 18.87 -12.39
CA ARG B 9 18.67 20.20 -12.20
C ARG B 9 17.35 20.26 -12.97
N GLU B 10 17.33 19.77 -14.22
CA GLU B 10 16.11 19.66 -15.08
C GLU B 10 15.04 18.85 -14.33
N PHE B 11 15.44 17.72 -13.74
CA PHE B 11 14.55 16.78 -13.01
C PHE B 11 14.03 17.45 -11.74
N MET B 12 14.91 18.04 -10.93
CA MET B 12 14.57 18.69 -9.64
C MET B 12 13.62 19.88 -9.86
N ALA B 13 13.72 20.55 -11.02
CA ALA B 13 12.87 21.71 -11.40
C ALA B 13 11.38 21.33 -11.43
N ILE B 14 11.08 20.04 -11.65
CA ILE B 14 9.69 19.50 -11.75
C ILE B 14 9.14 19.24 -10.33
N PHE B 15 10.01 19.03 -9.33
CA PHE B 15 9.60 18.51 -8.00
C PHE B 15 8.60 19.45 -7.33
N PRO B 16 8.79 20.78 -7.32
CA PRO B 16 7.81 21.69 -6.72
C PRO B 16 6.39 21.53 -7.30
N ASP B 17 6.28 21.25 -8.59
CA ASP B 17 4.99 21.03 -9.30
C ASP B 17 4.33 19.74 -8.76
N ILE B 18 5.12 18.68 -8.56
CA ILE B 18 4.64 17.38 -7.99
C ILE B 18 4.06 17.65 -6.60
N VAL B 19 4.78 18.40 -5.76
CA VAL B 19 4.34 18.73 -4.37
C VAL B 19 3.03 19.53 -4.44
N ARG B 20 2.95 20.51 -5.33
CA ARG B 20 1.74 21.35 -5.55
C ARG B 20 0.58 20.49 -6.03
N ASP B 21 0.85 19.59 -6.99
CA ASP B 21 -0.17 18.65 -7.56
C ASP B 21 -0.81 17.82 -6.44
N LEU B 22 -0.03 17.37 -5.46
CA LEU B 22 -0.45 16.36 -4.46
C LEU B 22 -0.88 17.01 -3.14
N THR B 23 -0.85 18.35 -3.03
CA THR B 23 -1.24 19.08 -1.78
C THR B 23 -2.19 20.23 -2.14
N ASP B 24 -1.65 21.35 -2.65
CA ASP B 24 -2.39 22.58 -2.99
C ASP B 24 -3.42 22.31 -4.09
N ALA B 25 -2.95 21.82 -5.23
CA ALA B 25 -3.70 21.72 -6.52
C ALA B 25 -5.04 21.02 -6.30
N ILE B 31 -9.69 19.84 5.18
CA ILE B 31 -8.70 18.80 5.62
C ILE B 31 -7.26 19.34 5.48
N PRO B 32 -6.98 20.64 5.74
CA PRO B 32 -5.67 21.23 5.45
C PRO B 32 -4.48 20.69 6.26
N GLU B 33 -4.67 20.29 7.52
CA GLU B 33 -3.56 19.86 8.40
C GLU B 33 -2.94 18.56 7.85
N VAL B 34 -3.74 17.72 7.16
CA VAL B 34 -3.24 16.48 6.49
C VAL B 34 -2.40 16.85 5.26
N THR B 35 -2.90 17.78 4.44
CA THR B 35 -2.25 18.20 3.16
C THR B 35 -0.94 18.94 3.48
N LYS B 36 -0.95 19.81 4.50
CA LYS B 36 0.27 20.50 5.02
C LYS B 36 1.30 19.44 5.43
N ARG B 37 0.88 18.46 6.23
CA ARG B 37 1.77 17.39 6.76
C ARG B 37 2.32 16.57 5.58
N PHE B 38 1.47 16.22 4.62
CA PHE B 38 1.83 15.38 3.45
C PHE B 38 2.92 16.08 2.61
N ALA B 39 2.86 17.40 2.48
CA ALA B 39 3.91 18.21 1.83
C ALA B 39 5.26 17.93 2.51
N LYS B 40 5.27 17.84 3.85
CA LYS B 40 6.48 17.51 4.66
C LYS B 40 6.89 16.06 4.36
N VAL B 41 5.93 15.13 4.33
CA VAL B 41 6.18 13.68 4.03
C VAL B 41 6.92 13.60 2.68
N LEU B 42 6.38 14.25 1.65
CA LEU B 42 6.92 14.21 0.26
C LEU B 42 8.33 14.79 0.23
N GLN B 43 8.55 15.97 0.83
CA GLN B 43 9.83 16.72 0.73
C GLN B 43 10.94 16.00 1.53
N TYR B 44 10.58 15.29 2.61
CA TYR B 44 11.54 14.52 3.45
C TYR B 44 11.97 13.23 2.72
N ASN B 45 11.03 12.54 2.07
CA ASN B 45 11.19 11.11 1.68
C ASN B 45 11.44 10.93 0.17
N VAL B 46 10.94 11.84 -0.69
CA VAL B 46 10.86 11.58 -2.16
C VAL B 46 12.11 12.10 -2.90
N PRO B 47 12.56 13.36 -2.72
CA PRO B 47 13.69 13.88 -3.52
C PRO B 47 15.09 13.65 -2.92
N THR B 48 15.22 12.72 -1.98
CA THR B 48 16.50 12.36 -1.31
C THR B 48 17.22 11.32 -2.18
N GLY B 49 18.52 11.13 -1.94
CA GLY B 49 19.39 10.27 -2.77
C GLY B 49 19.74 10.94 -4.08
N LYS B 50 20.11 10.15 -5.10
CA LYS B 50 20.68 10.63 -6.39
C LYS B 50 19.59 10.68 -7.47
N LYS B 51 18.42 10.07 -7.22
CA LYS B 51 17.23 10.03 -8.13
C LYS B 51 17.58 9.31 -9.44
N THR B 52 18.39 8.25 -9.37
CA THR B 52 18.88 7.49 -10.55
C THR B 52 17.72 6.87 -11.32
N ARG B 53 16.67 6.40 -10.63
CA ARG B 53 15.50 5.71 -11.23
C ARG B 53 14.64 6.70 -12.02
N GLY B 54 14.37 7.88 -11.43
CA GLY B 54 13.65 8.99 -12.10
C GLY B 54 14.40 9.50 -13.31
N LEU B 55 15.71 9.73 -13.17
CA LEU B 55 16.60 10.21 -14.26
C LEU B 55 16.67 9.15 -15.37
N SER B 56 16.70 7.87 -15.00
CA SER B 56 16.72 6.72 -15.96
C SER B 56 15.46 6.73 -16.83
N THR B 57 14.31 7.10 -16.26
CA THR B 57 13.01 7.20 -16.98
C THR B 57 13.13 8.29 -18.06
N VAL B 58 13.70 9.44 -17.70
CA VAL B 58 13.88 10.62 -18.62
C VAL B 58 14.86 10.23 -19.74
N ILE B 59 16.00 9.63 -19.39
CA ILE B 59 17.06 9.22 -20.37
C ILE B 59 16.47 8.17 -21.32
N ALA B 60 15.76 7.16 -20.79
CA ALA B 60 15.06 6.13 -21.58
C ALA B 60 14.19 6.81 -22.65
N TYR B 61 13.32 7.72 -22.24
CA TYR B 61 12.37 8.44 -23.14
C TYR B 61 13.15 9.22 -24.21
N LYS B 62 14.18 9.98 -23.80
CA LYS B 62 14.98 10.84 -24.71
C LYS B 62 15.66 10.00 -25.80
N MET B 63 16.01 8.74 -25.50
CA MET B 63 16.77 7.85 -26.42
C MET B 63 15.82 6.90 -27.18
N LEU B 64 14.52 6.89 -26.85
CA LEU B 64 13.50 6.04 -27.49
C LEU B 64 12.58 6.89 -28.40
N GLU B 65 12.22 8.09 -27.96
CA GLU B 65 11.24 8.98 -28.64
C GLU B 65 11.83 9.48 -29.96
N LYS B 66 10.96 9.80 -30.92
CA LYS B 66 11.31 10.44 -32.21
C LYS B 66 11.74 11.88 -31.94
N PRO B 67 12.92 12.32 -32.43
CA PRO B 67 13.43 13.67 -32.15
C PRO B 67 12.42 14.82 -32.30
N GLU B 68 11.49 14.73 -33.25
CA GLU B 68 10.47 15.78 -33.54
C GLU B 68 9.46 15.85 -32.37
N ASN B 69 9.33 14.78 -31.59
CA ASN B 69 8.39 14.68 -30.43
C ASN B 69 9.07 15.11 -29.13
N LEU B 70 10.40 15.28 -29.13
CA LEU B 70 11.18 15.68 -27.92
C LEU B 70 11.06 17.19 -27.71
N THR B 71 9.82 17.67 -27.52
CA THR B 71 9.50 19.08 -27.18
C THR B 71 9.81 19.28 -25.69
N PRO B 72 9.93 20.53 -25.20
CA PRO B 72 10.08 20.78 -23.77
C PRO B 72 8.92 20.18 -22.95
N GLU B 73 7.71 20.17 -23.52
CA GLU B 73 6.47 19.67 -22.88
C GLU B 73 6.55 18.15 -22.69
N ASN B 74 6.99 17.42 -23.72
CA ASN B 74 7.02 15.94 -23.73
C ASN B 74 8.17 15.43 -22.84
N VAL B 75 9.31 16.15 -22.84
CA VAL B 75 10.48 15.83 -21.98
C VAL B 75 10.08 16.04 -20.51
N ARG B 76 9.28 17.07 -20.22
CA ARG B 76 8.74 17.35 -18.86
C ARG B 76 7.82 16.20 -18.43
N LEU B 77 6.98 15.68 -19.34
CA LEU B 77 6.08 14.53 -19.07
C LEU B 77 6.92 13.32 -18.63
N ALA B 78 8.04 13.05 -19.32
CA ALA B 78 8.99 11.96 -18.99
C ALA B 78 9.53 12.18 -17.57
N GLY B 79 9.82 13.44 -17.20
CA GLY B 79 10.24 13.83 -15.84
C GLY B 79 9.16 13.55 -14.81
N ILE B 80 7.90 13.87 -15.13
CA ILE B 80 6.73 13.58 -14.24
C ILE B 80 6.65 12.07 -14.03
N LEU B 81 6.81 11.27 -15.09
CA LEU B 81 6.83 9.78 -14.99
C LEU B 81 7.98 9.34 -14.07
N GLY B 82 9.16 9.95 -14.22
CA GLY B 82 10.33 9.68 -13.37
C GLY B 82 10.03 9.92 -11.90
N TRP B 83 9.29 10.99 -11.58
CA TRP B 83 8.91 11.34 -10.19
C TRP B 83 7.91 10.32 -9.64
N CYS B 84 7.07 9.75 -10.49
CA CYS B 84 6.13 8.65 -10.11
C CYS B 84 6.93 7.42 -9.68
N VAL B 85 8.06 7.15 -10.33
CA VAL B 85 8.99 6.04 -9.95
C VAL B 85 9.60 6.38 -8.58
N GLU B 86 9.98 7.64 -8.36
CA GLU B 86 10.60 8.11 -7.09
C GLU B 86 9.56 8.09 -5.97
N LEU B 87 8.29 8.33 -6.29
CA LEU B 87 7.16 8.21 -5.33
C LEU B 87 7.01 6.74 -4.90
N LEU B 88 7.00 5.80 -5.86
CA LEU B 88 6.93 4.35 -5.56
C LEU B 88 8.10 3.98 -4.65
N GLN B 89 9.32 4.37 -5.01
CA GLN B 89 10.53 4.02 -4.24
C GLN B 89 10.40 4.55 -2.80
N ALA B 90 10.04 5.82 -2.64
CA ALA B 90 9.86 6.49 -1.33
C ALA B 90 8.94 5.64 -0.46
N SER B 91 7.80 5.21 -1.01
CA SER B 91 6.82 4.32 -0.34
C SER B 91 7.51 3.03 0.12
N LEU B 92 8.23 2.36 -0.79
CA LEU B 92 8.90 1.05 -0.53
C LEU B 92 9.93 1.21 0.60
N LEU B 93 10.68 2.31 0.61
CA LEU B 93 11.83 2.52 1.54
C LEU B 93 11.33 2.93 2.94
N ILE B 94 10.24 3.71 3.02
CA ILE B 94 9.57 4.02 4.32
C ILE B 94 9.16 2.69 4.97
N MET B 95 8.51 1.81 4.20
CA MET B 95 8.07 0.46 4.64
C MET B 95 9.28 -0.36 5.08
N ASP B 96 10.30 -0.45 4.22
CA ASP B 96 11.49 -1.30 4.45
C ASP B 96 12.19 -0.88 5.74
N ASP B 97 12.36 0.43 5.97
CA ASP B 97 13.06 0.99 7.15
C ASP B 97 12.28 0.63 8.43
N LEU B 98 10.94 0.69 8.37
CA LEU B 98 10.04 0.21 9.45
C LEU B 98 10.30 -1.28 9.71
N MET B 99 10.32 -2.09 8.66
CA MET B 99 10.45 -3.58 8.72
C MET B 99 11.82 -3.96 9.28
N ASP B 100 12.88 -3.24 8.89
CA ASP B 100 14.28 -3.58 9.26
C ASP B 100 14.70 -2.80 10.52
N ARG B 101 13.81 -1.96 11.05
CA ARG B 101 14.04 -1.15 12.28
C ARG B 101 15.33 -0.36 12.13
N SER B 102 15.63 0.13 10.92
CA SER B 102 16.88 0.87 10.59
C SER B 102 16.82 2.26 11.24
N GLU B 103 18.00 2.84 11.50
CA GLU B 103 18.17 4.16 12.18
C GLU B 103 18.18 5.27 11.12
N THR B 104 18.94 5.08 10.05
CA THR B 104 19.20 6.11 9.00
C THR B 104 19.03 5.49 7.61
N ARG B 105 18.78 6.35 6.61
CA ARG B 105 18.94 6.03 5.17
C ARG B 105 19.51 7.25 4.46
N ARG B 106 20.60 7.05 3.71
CA ARG B 106 21.31 8.08 2.90
C ARG B 106 21.57 9.33 3.79
N GLY B 107 21.97 9.09 5.05
CA GLY B 107 22.40 10.13 6.00
C GLY B 107 21.26 10.71 6.82
N GLN B 108 19.99 10.51 6.43
CA GLN B 108 18.82 11.04 7.18
C GLN B 108 18.30 9.98 8.14
N PRO B 109 17.68 10.39 9.27
CA PRO B 109 16.93 9.46 10.10
C PRO B 109 15.79 8.83 9.27
N CYS B 110 15.53 7.54 9.48
CA CYS B 110 14.38 6.83 8.87
C CYS B 110 13.09 7.54 9.29
N TRP B 111 12.16 7.73 8.35
CA TRP B 111 10.97 8.62 8.51
C TRP B 111 10.21 8.28 9.81
N TYR B 112 10.04 6.99 10.11
CA TYR B 112 9.25 6.50 11.28
C TYR B 112 9.90 6.98 12.58
N ARG B 113 11.21 7.22 12.59
CA ARG B 113 12.00 7.63 13.80
C ARG B 113 11.82 9.13 14.07
N GLN B 114 11.28 9.91 13.14
CA GLN B 114 11.06 11.37 13.31
C GLN B 114 9.97 11.60 14.36
N GLU B 115 10.02 12.76 15.03
CA GLU B 115 9.11 13.13 16.15
C GLU B 115 7.67 13.12 15.66
N ASN B 116 6.78 12.46 16.38
CA ASN B 116 5.31 12.41 16.11
C ASN B 116 5.04 11.78 14.73
N VAL B 117 5.92 10.88 14.27
CA VAL B 117 5.65 9.98 13.11
C VAL B 117 5.36 8.59 13.68
N GLY B 118 6.40 7.85 14.07
CA GLY B 118 6.27 6.48 14.61
C GLY B 118 5.47 5.59 13.67
N PHE B 119 4.32 5.10 14.14
CA PHE B 119 3.46 4.15 13.40
C PHE B 119 2.68 4.87 12.29
N LEU B 120 2.68 6.20 12.30
CA LEU B 120 2.02 7.05 11.25
C LEU B 120 2.76 6.86 9.92
N ALA B 121 4.04 6.48 9.96
CA ALA B 121 4.88 6.17 8.78
C ALA B 121 4.25 5.04 7.95
N ILE B 122 3.47 4.15 8.59
CA ILE B 122 2.78 3.01 7.93
C ILE B 122 1.77 3.58 6.92
N ASN B 123 0.88 4.47 7.36
CA ASN B 123 -0.13 5.12 6.49
C ASN B 123 0.58 6.03 5.47
N ASP B 124 1.63 6.74 5.90
CA ASP B 124 2.43 7.64 5.02
C ASP B 124 2.98 6.83 3.84
N CYS B 125 3.50 5.63 4.11
CA CYS B 125 4.00 4.66 3.10
C CYS B 125 2.91 4.40 2.05
N LEU B 126 1.70 4.05 2.49
CA LEU B 126 0.54 3.76 1.59
C LEU B 126 0.08 5.04 0.89
N HIS B 127 0.08 6.17 1.61
CA HIS B 127 -0.36 7.50 1.10
C HIS B 127 0.52 7.91 -0.09
N VAL B 128 1.84 7.80 0.07
CA VAL B 128 2.83 8.18 -0.98
C VAL B 128 2.62 7.28 -2.21
N GLU B 129 2.47 5.96 -2.02
CA GLU B 129 2.21 5.00 -3.12
C GLU B 129 0.94 5.41 -3.86
N SER B 130 -0.15 5.65 -3.14
CA SER B 130 -1.49 6.03 -3.69
C SER B 130 -1.37 7.32 -4.50
N SER B 131 -0.53 8.26 -4.06
CA SER B 131 -0.42 9.62 -4.64
C SER B 131 0.04 9.56 -6.11
N LEU B 132 0.89 8.60 -6.49
CA LEU B 132 1.50 8.55 -7.85
C LEU B 132 0.40 8.35 -8.90
N TYR B 133 -0.69 7.66 -8.56
CA TYR B 133 -1.80 7.36 -9.51
C TYR B 133 -2.63 8.63 -9.75
N SER B 134 -2.65 9.55 -8.79
CA SER B 134 -3.23 10.90 -8.94
C SER B 134 -2.43 11.71 -9.98
N VAL B 135 -1.10 11.63 -9.92
CA VAL B 135 -0.18 12.31 -10.88
C VAL B 135 -0.38 11.71 -12.28
N LEU B 136 -0.45 10.38 -12.39
CA LEU B 136 -0.64 9.67 -13.69
C LEU B 136 -1.96 10.12 -14.32
N ARG B 137 -3.03 10.19 -13.52
CA ARG B 137 -4.37 10.62 -13.98
C ARG B 137 -4.31 12.06 -14.51
N LYS B 138 -3.65 12.96 -13.77
CA LYS B 138 -3.59 14.40 -14.13
C LYS B 138 -2.95 14.58 -15.51
N TYR B 139 -1.84 13.89 -15.81
CA TYR B 139 -0.93 14.24 -16.93
C TYR B 139 -1.00 13.23 -18.09
N PHE B 140 -1.61 12.06 -17.92
CA PHE B 140 -1.50 10.95 -18.92
C PHE B 140 -2.86 10.34 -19.29
N SER B 141 -3.97 10.76 -18.67
CA SER B 141 -5.30 10.11 -18.81
C SER B 141 -5.84 10.20 -20.25
N HIS B 142 -5.37 11.19 -21.02
CA HIS B 142 -5.82 11.48 -22.40
C HIS B 142 -4.97 10.74 -23.45
N LEU B 143 -3.92 10.02 -23.03
CA LEU B 143 -2.92 9.41 -23.95
C LEU B 143 -3.15 7.90 -24.09
N PRO B 144 -2.75 7.29 -25.23
CA PRO B 144 -2.86 5.83 -25.39
C PRO B 144 -2.02 5.03 -24.39
N CYS B 145 -0.96 5.63 -23.83
CA CYS B 145 -0.02 4.98 -22.88
C CYS B 145 -0.59 4.93 -21.45
N TYR B 146 -1.76 5.55 -21.20
CA TYR B 146 -2.36 5.69 -19.85
C TYR B 146 -2.54 4.32 -19.18
N VAL B 147 -3.31 3.43 -19.81
CA VAL B 147 -3.67 2.10 -19.23
C VAL B 147 -2.41 1.25 -19.11
N PRO B 148 -1.58 1.07 -20.17
CA PRO B 148 -0.33 0.33 -20.05
C PRO B 148 0.55 0.80 -18.88
N ILE B 149 0.68 2.12 -18.69
CA ILE B 149 1.52 2.72 -17.60
C ILE B 149 0.91 2.36 -16.24
N ILE B 150 -0.40 2.52 -16.07
CA ILE B 150 -1.13 2.16 -14.81
C ILE B 150 -0.86 0.67 -14.49
N GLU B 151 -1.08 -0.20 -15.48
CA GLU B 151 -0.97 -1.68 -15.32
C GLU B 151 0.48 -2.06 -14.98
N LEU B 152 1.46 -1.36 -15.56
CA LEU B 152 2.91 -1.58 -15.30
C LEU B 152 3.21 -1.27 -13.83
N PHE B 153 2.78 -0.10 -13.33
CA PHE B 153 2.99 0.33 -11.91
C PHE B 153 2.39 -0.71 -10.96
N HIS B 154 1.14 -1.14 -11.20
CA HIS B 154 0.43 -2.14 -10.35
C HIS B 154 1.19 -3.47 -10.38
N ASP B 155 1.59 -3.93 -11.58
CA ASP B 155 2.32 -5.20 -11.78
C ASP B 155 3.66 -5.15 -11.03
N VAL B 156 4.43 -4.07 -11.20
CA VAL B 156 5.79 -3.90 -10.61
C VAL B 156 5.66 -3.81 -9.09
N ASN B 157 4.65 -3.10 -8.56
CA ASN B 157 4.40 -2.99 -7.10
C ASN B 157 4.16 -4.39 -6.54
N PHE B 158 3.28 -5.16 -7.16
CA PHE B 158 2.93 -6.56 -6.76
C PHE B 158 4.21 -7.39 -6.70
N LYS B 159 4.99 -7.38 -7.78
CA LYS B 159 6.26 -8.16 -7.91
C LYS B 159 7.25 -7.73 -6.81
N THR B 160 7.35 -6.42 -6.52
CA THR B 160 8.28 -5.88 -5.50
C THR B 160 7.88 -6.40 -4.11
N ASN B 161 6.58 -6.45 -3.81
CA ASN B 161 6.04 -7.01 -2.53
C ASN B 161 6.42 -8.49 -2.41
N MET B 162 6.33 -9.23 -3.51
CA MET B 162 6.70 -10.67 -3.56
C MET B 162 8.20 -10.82 -3.24
N GLY B 163 9.04 -9.94 -3.78
CA GLY B 163 10.49 -9.90 -3.51
C GLY B 163 10.78 -9.60 -2.04
N GLN B 164 10.09 -8.61 -1.47
CA GLN B 164 10.23 -8.19 -0.05
C GLN B 164 9.88 -9.36 0.87
N SER B 165 8.83 -10.13 0.51
CA SER B 165 8.37 -11.32 1.28
C SER B 165 9.42 -12.44 1.18
N LEU B 166 9.94 -12.73 -0.01
CA LEU B 166 10.97 -13.79 -0.22
C LEU B 166 12.20 -13.44 0.63
N ASP B 167 12.59 -12.16 0.65
CA ASP B 167 13.71 -11.65 1.47
C ASP B 167 13.43 -11.96 2.96
N ALA B 168 12.22 -11.70 3.43
CA ALA B 168 11.79 -11.92 4.84
C ALA B 168 11.83 -13.42 5.18
N LEU B 169 11.61 -14.30 4.20
CA LEU B 169 11.61 -15.77 4.41
C LEU B 169 13.05 -16.30 4.54
N CYS B 170 14.07 -15.44 4.53
CA CYS B 170 15.49 -15.80 4.81
C CYS B 170 15.84 -15.47 6.27
N MET B 171 14.86 -15.02 7.07
CA MET B 171 15.02 -14.66 8.50
C MET B 171 13.89 -15.29 9.32
N LYS B 172 14.21 -15.73 10.55
CA LYS B 172 13.24 -16.31 11.52
C LYS B 172 13.71 -15.99 12.95
N ASP B 173 12.82 -15.45 13.78
CA ASP B 173 13.05 -15.14 15.21
C ASP B 173 14.28 -14.21 15.33
N GLY B 174 14.45 -13.29 14.38
CA GLY B 174 15.51 -12.27 14.38
C GLY B 174 16.85 -12.78 13.86
N ARG B 175 16.94 -14.06 13.47
CA ARG B 175 18.20 -14.71 13.01
C ARG B 175 18.10 -15.08 11.53
N PRO B 176 19.21 -15.00 10.77
CA PRO B 176 19.22 -15.45 9.37
C PRO B 176 19.13 -16.98 9.31
N ILE B 177 18.38 -17.51 8.33
CA ILE B 177 18.28 -18.96 8.03
C ILE B 177 19.30 -19.26 6.91
N LEU B 178 20.51 -19.67 7.27
CA LEU B 178 21.64 -19.79 6.30
C LEU B 178 21.36 -20.92 5.30
N SER B 179 20.49 -21.88 5.63
CA SER B 179 20.03 -22.94 4.69
C SER B 179 19.30 -22.30 3.50
N GLN B 180 18.71 -21.11 3.68
CA GLN B 180 17.97 -20.36 2.63
C GLN B 180 18.93 -19.61 1.70
N PHE B 181 20.19 -19.40 2.10
CA PHE B 181 21.17 -18.53 1.40
C PHE B 181 21.78 -19.28 0.21
N THR B 182 20.95 -19.59 -0.80
CA THR B 182 21.37 -20.21 -2.09
C THR B 182 21.43 -19.12 -3.16
N MET B 183 22.25 -19.32 -4.20
CA MET B 183 22.39 -18.34 -5.32
C MET B 183 21.06 -18.23 -6.07
N LYS B 184 20.31 -19.33 -6.16
CA LYS B 184 18.98 -19.36 -6.84
C LYS B 184 18.00 -18.44 -6.10
N ARG B 185 17.92 -18.53 -4.77
CA ARG B 185 17.00 -17.69 -3.96
C ARG B 185 17.49 -16.24 -3.98
N TYR B 186 18.80 -16.02 -3.91
CA TYR B 186 19.41 -14.67 -3.99
C TYR B 186 18.97 -13.99 -5.30
N SER B 187 19.14 -14.68 -6.43
CA SER B 187 18.82 -14.21 -7.79
C SER B 187 17.33 -13.83 -7.88
N SER B 188 16.44 -14.64 -7.30
CA SER B 188 14.98 -14.41 -7.28
C SER B 188 14.65 -13.18 -6.43
N ILE B 189 15.26 -13.05 -5.25
CA ILE B 189 15.07 -11.87 -4.35
C ILE B 189 15.43 -10.61 -5.15
N VAL B 190 16.62 -10.58 -5.76
CA VAL B 190 17.14 -9.39 -6.49
C VAL B 190 16.18 -9.06 -7.64
N LYS B 191 15.79 -10.05 -8.43
CA LYS B 191 14.88 -9.90 -9.59
C LYS B 191 13.58 -9.20 -9.14
N TYR B 192 12.89 -9.77 -8.14
CA TYR B 192 11.53 -9.34 -7.74
C TYR B 192 11.61 -8.09 -6.86
N LYS B 193 12.52 -8.04 -5.87
CA LYS B 193 12.57 -6.96 -4.85
C LYS B 193 13.14 -5.67 -5.44
N THR B 194 14.08 -5.75 -6.39
CA THR B 194 14.91 -4.60 -6.83
C THR B 194 14.82 -4.37 -8.35
N SER B 195 15.08 -5.38 -9.17
CA SER B 195 15.33 -5.23 -10.62
C SER B 195 14.10 -4.69 -11.36
N TYR B 196 12.90 -5.15 -11.00
CA TYR B 196 11.63 -4.74 -11.67
C TYR B 196 11.42 -3.22 -11.52
N TYR B 197 11.50 -2.69 -10.30
CA TYR B 197 11.16 -1.27 -10.00
C TYR B 197 12.36 -0.37 -10.33
N THR B 198 13.60 -0.87 -10.26
CA THR B 198 14.83 -0.07 -10.44
C THR B 198 15.18 0.07 -11.93
N PHE B 199 15.01 -0.99 -12.73
CA PHE B 199 15.51 -1.07 -14.13
C PHE B 199 14.35 -1.25 -15.13
N GLN B 200 13.50 -2.27 -14.95
CA GLN B 200 12.41 -2.57 -15.91
C GLN B 200 11.42 -1.40 -15.95
N LEU B 201 11.01 -0.88 -14.78
CA LEU B 201 9.93 0.13 -14.66
C LEU B 201 10.33 1.41 -15.40
N PRO B 202 11.50 2.05 -15.10
CA PRO B 202 11.90 3.24 -15.84
C PRO B 202 11.96 3.07 -17.37
N VAL B 203 12.54 1.98 -17.86
CA VAL B 203 12.75 1.75 -19.32
C VAL B 203 11.39 1.49 -19.99
N SER B 204 10.57 0.59 -19.44
CA SER B 204 9.22 0.27 -19.97
C SER B 204 8.33 1.53 -19.96
N LEU B 205 8.46 2.40 -18.96
CA LEU B 205 7.73 3.70 -18.89
C LEU B 205 8.17 4.59 -20.05
N GLY B 206 9.49 4.72 -20.27
CA GLY B 206 10.06 5.46 -21.41
C GLY B 206 9.52 4.95 -22.73
N MET B 207 9.43 3.62 -22.88
CA MET B 207 8.96 2.95 -24.12
C MET B 207 7.47 3.26 -24.34
N TYR B 208 6.63 3.13 -23.31
CA TYR B 208 5.17 3.41 -23.37
C TYR B 208 4.94 4.89 -23.73
N LEU B 209 5.65 5.82 -23.09
CA LEU B 209 5.50 7.27 -23.36
C LEU B 209 5.88 7.57 -24.82
N ALA B 210 6.86 6.82 -25.37
CA ALA B 210 7.30 6.93 -26.78
C ALA B 210 6.40 6.06 -27.69
N ASP B 211 5.25 5.61 -27.17
CA ASP B 211 4.20 4.83 -27.90
C ASP B 211 4.82 3.57 -28.52
N MET B 212 5.68 2.88 -27.76
CA MET B 212 6.26 1.56 -28.14
C MET B 212 5.60 0.48 -27.27
N TYR B 213 4.69 -0.31 -27.86
CA TYR B 213 3.80 -1.25 -27.15
C TYR B 213 4.07 -2.71 -27.53
N ASP B 214 4.95 -2.97 -28.51
CA ASP B 214 5.29 -4.35 -28.95
C ASP B 214 5.72 -5.14 -27.73
N PRO B 215 4.97 -6.21 -27.32
CA PRO B 215 5.31 -6.96 -26.11
C PRO B 215 6.72 -7.56 -26.19
N GLU B 216 7.17 -7.91 -27.40
CA GLU B 216 8.48 -8.57 -27.65
C GLU B 216 9.62 -7.55 -27.45
N GLN B 217 9.37 -6.26 -27.71
CA GLN B 217 10.33 -5.16 -27.42
C GLN B 217 10.53 -5.07 -25.90
N HIS B 218 9.42 -5.07 -25.13
CA HIS B 218 9.43 -4.99 -23.65
C HIS B 218 10.10 -6.24 -23.07
N ARG B 219 9.88 -7.41 -23.68
CA ARG B 219 10.46 -8.70 -23.22
C ARG B 219 11.98 -8.71 -23.45
N GLN B 220 12.44 -8.21 -24.60
CA GLN B 220 13.88 -8.10 -24.96
C GLN B 220 14.58 -7.17 -23.97
N ALA B 221 13.97 -6.01 -23.68
CA ALA B 221 14.47 -5.01 -22.71
C ALA B 221 14.57 -5.66 -21.33
N LYS B 222 13.52 -6.38 -20.91
CA LYS B 222 13.43 -7.06 -19.59
C LYS B 222 14.61 -8.02 -19.41
N THR B 223 14.92 -8.84 -20.43
CA THR B 223 15.98 -9.87 -20.38
C THR B 223 17.32 -9.23 -19.97
N ILE B 224 17.71 -8.13 -20.62
CA ILE B 224 19.01 -7.43 -20.35
C ILE B 224 18.90 -6.69 -19.01
N LEU B 225 17.79 -6.01 -18.73
CA LEU B 225 17.64 -5.16 -17.52
C LEU B 225 17.66 -6.03 -16.25
N MET B 226 17.18 -7.28 -16.33
CA MET B 226 17.23 -8.24 -15.18
C MET B 226 18.69 -8.65 -14.94
N GLU B 227 19.49 -8.85 -15.99
CA GLU B 227 20.94 -9.18 -15.90
C GLU B 227 21.69 -7.98 -15.31
N ILE B 228 21.42 -6.77 -15.82
CA ILE B 228 22.04 -5.50 -15.32
C ILE B 228 21.66 -5.32 -13.83
N GLY B 229 20.39 -5.55 -13.49
CA GLY B 229 19.87 -5.44 -12.12
C GLY B 229 20.62 -6.35 -11.15
N GLU B 230 20.86 -7.59 -11.56
CA GLU B 230 21.58 -8.59 -10.73
C GLU B 230 23.02 -8.12 -10.48
N PHE B 231 23.71 -7.63 -11.51
CA PHE B 231 25.09 -7.10 -11.36
C PHE B 231 25.10 -5.92 -10.39
N PHE B 232 24.20 -4.94 -10.61
CA PHE B 232 24.06 -3.71 -9.77
C PHE B 232 24.02 -4.10 -8.29
N GLN B 233 23.19 -5.08 -7.93
CA GLN B 233 22.94 -5.49 -6.53
C GLN B 233 24.14 -6.27 -5.98
N ILE B 234 24.77 -7.12 -6.79
CA ILE B 234 25.99 -7.89 -6.40
C ILE B 234 27.12 -6.89 -6.09
N GLN B 235 27.31 -5.89 -6.96
CA GLN B 235 28.33 -4.82 -6.77
C GLN B 235 28.01 -4.05 -5.47
N ASP B 236 26.73 -3.74 -5.25
CA ASP B 236 26.24 -3.01 -4.04
C ASP B 236 26.55 -3.85 -2.79
N ASP B 237 26.22 -5.15 -2.82
CA ASP B 237 26.50 -6.10 -1.70
C ASP B 237 28.00 -6.14 -1.42
N PHE B 238 28.82 -6.28 -2.47
CA PHE B 238 30.30 -6.33 -2.37
C PHE B 238 30.81 -5.07 -1.65
N LEU B 239 30.38 -3.89 -2.10
CA LEU B 239 30.87 -2.57 -1.62
C LEU B 239 30.41 -2.31 -0.17
N ASP B 240 29.32 -2.94 0.27
CA ASP B 240 28.84 -2.80 1.68
C ASP B 240 29.96 -3.19 2.64
N ALA B 241 30.70 -4.27 2.35
CA ALA B 241 31.77 -4.82 3.21
C ALA B 241 33.15 -4.27 2.80
N PHE B 242 33.37 -4.02 1.51
CA PHE B 242 34.72 -3.77 0.94
C PHE B 242 34.83 -2.38 0.28
N GLY B 243 33.76 -1.59 0.26
CA GLY B 243 33.70 -0.30 -0.45
C GLY B 243 34.17 0.85 0.44
N VAL B 251 29.07 3.59 7.12
CA VAL B 251 29.45 2.21 7.56
C VAL B 251 28.42 1.21 7.02
N GLY B 252 28.87 0.13 6.39
CA GLY B 252 28.01 -0.96 5.87
C GLY B 252 27.52 -1.85 7.01
N THR B 253 26.22 -2.16 7.03
CA THR B 253 25.53 -2.87 8.15
C THR B 253 24.88 -4.18 7.67
N ASP B 254 25.22 -4.67 6.48
CA ASP B 254 24.60 -5.90 5.89
C ASP B 254 24.88 -7.11 6.79
N ILE B 255 26.10 -7.23 7.32
CA ILE B 255 26.54 -8.39 8.15
C ILE B 255 25.71 -8.40 9.45
N LYS B 256 25.65 -7.25 10.14
CA LYS B 256 24.90 -7.04 11.41
C LYS B 256 23.41 -7.34 11.18
N GLU B 257 22.85 -6.88 10.05
CA GLU B 257 21.41 -7.02 9.70
C GLU B 257 21.10 -8.47 9.30
N GLY B 258 22.12 -9.26 8.96
CA GLY B 258 21.97 -10.67 8.56
C GLY B 258 21.38 -10.80 7.16
N LYS B 259 21.69 -9.84 6.27
CA LYS B 259 21.14 -9.76 4.90
C LYS B 259 21.55 -11.01 4.11
N CYS B 260 20.66 -11.51 3.25
CA CYS B 260 20.99 -12.50 2.19
C CYS B 260 21.76 -11.79 1.08
N SER B 261 23.01 -11.39 1.34
CA SER B 261 23.89 -10.67 0.40
C SER B 261 24.71 -11.68 -0.40
N TRP B 262 25.13 -11.29 -1.61
CA TRP B 262 25.99 -12.10 -2.51
C TRP B 262 27.22 -12.60 -1.74
N LEU B 263 27.82 -11.75 -0.89
CA LEU B 263 29.02 -12.11 -0.09
C LEU B 263 28.73 -13.31 0.81
N ALA B 264 27.59 -13.29 1.52
CA ALA B 264 27.17 -14.36 2.45
C ALA B 264 26.88 -15.65 1.67
N VAL B 265 26.19 -15.53 0.53
CA VAL B 265 25.84 -16.69 -0.35
C VAL B 265 27.12 -17.35 -0.86
N VAL B 266 28.08 -16.57 -1.37
CA VAL B 266 29.35 -17.10 -1.94
C VAL B 266 30.24 -17.63 -0.80
N ALA B 267 30.26 -16.97 0.36
CA ALA B 267 31.02 -17.40 1.55
C ALA B 267 30.59 -18.83 1.92
N LEU B 268 29.28 -19.09 1.94
CA LEU B 268 28.69 -20.40 2.31
C LEU B 268 29.02 -21.45 1.23
N GLN B 269 29.06 -21.05 -0.04
CA GLN B 269 29.47 -21.94 -1.18
C GLN B 269 30.91 -22.42 -0.97
N ARG B 270 31.80 -21.56 -0.47
CA ARG B 270 33.27 -21.77 -0.43
C ARG B 270 33.74 -22.20 0.97
N SER B 271 32.86 -22.18 1.97
CA SER B 271 33.18 -22.48 3.39
C SER B 271 33.38 -24.00 3.59
N ASN B 272 34.35 -24.38 4.44
CA ASN B 272 34.48 -25.74 5.02
C ASN B 272 33.57 -25.79 6.25
N PRO B 273 33.33 -26.98 6.87
CA PRO B 273 32.47 -27.08 8.04
C PRO B 273 32.76 -26.09 9.18
N ALA B 274 34.04 -25.84 9.49
CA ALA B 274 34.48 -24.90 10.55
C ALA B 274 34.05 -23.48 10.21
N GLN B 275 34.16 -23.11 8.93
CA GLN B 275 33.83 -21.74 8.42
C GLN B 275 32.31 -21.57 8.34
N ARG B 276 31.57 -22.63 7.99
CA ARG B 276 30.09 -22.67 8.05
C ARG B 276 29.64 -22.39 9.49
N GLN B 277 30.29 -23.01 10.47
CA GLN B 277 29.96 -22.86 11.92
C GLN B 277 30.20 -21.41 12.36
N ILE B 278 31.26 -20.76 11.87
CA ILE B 278 31.57 -19.33 12.16
C ILE B 278 30.39 -18.47 11.66
N MET B 279 29.92 -18.72 10.43
CA MET B 279 28.75 -18.00 9.84
C MET B 279 27.50 -18.25 10.70
N GLU B 280 27.25 -19.50 11.09
CA GLU B 280 26.11 -19.89 11.97
C GLU B 280 26.14 -19.06 13.25
N GLU B 281 27.32 -18.92 13.87
CA GLU B 281 27.48 -18.30 15.22
C GLU B 281 27.44 -16.76 15.11
N HIS B 282 28.02 -16.17 14.07
CA HIS B 282 28.39 -14.72 14.05
C HIS B 282 27.62 -13.91 13.01
N TYR B 283 27.07 -14.50 11.95
CA TYR B 283 26.34 -13.74 10.90
C TYR B 283 24.99 -13.26 11.46
N GLY B 284 24.70 -11.97 11.29
CA GLY B 284 23.44 -11.33 11.72
C GLY B 284 23.40 -11.08 13.23
N ARG B 285 24.56 -10.86 13.85
CA ARG B 285 24.69 -10.56 15.30
C ARG B 285 25.10 -9.10 15.46
N PRO B 286 24.55 -8.37 16.46
CA PRO B 286 24.87 -6.96 16.66
C PRO B 286 26.21 -6.70 17.36
N GLU B 287 26.79 -7.70 18.03
CA GLU B 287 28.06 -7.58 18.80
C GLU B 287 29.20 -7.21 17.85
N PRO B 288 30.02 -6.19 18.17
CA PRO B 288 31.09 -5.73 17.29
C PRO B 288 32.08 -6.83 16.85
N GLU B 289 32.39 -7.78 17.73
CA GLU B 289 33.35 -8.90 17.43
C GLU B 289 32.82 -9.74 16.26
N SER B 290 31.49 -9.88 16.14
CA SER B 290 30.82 -10.75 15.14
C SER B 290 31.05 -10.19 13.71
N THR B 291 30.78 -8.90 13.50
CA THR B 291 30.99 -8.21 12.20
C THR B 291 32.45 -8.37 11.77
N GLN B 292 33.40 -8.20 12.70
CA GLN B 292 34.86 -8.26 12.42
C GLN B 292 35.26 -9.69 12.06
N ILE B 293 34.71 -10.70 12.74
CA ILE B 293 35.01 -12.15 12.47
C ILE B 293 34.54 -12.49 11.05
N ILE B 294 33.35 -12.02 10.66
CA ILE B 294 32.74 -12.27 9.32
C ILE B 294 33.58 -11.60 8.23
N LYS B 295 33.95 -10.32 8.43
CA LYS B 295 34.79 -9.55 7.49
C LYS B 295 36.12 -10.30 7.28
N ASN B 296 36.74 -10.77 8.36
CA ASN B 296 38.01 -11.56 8.33
C ASN B 296 37.80 -12.82 7.49
N LEU B 297 36.67 -13.53 7.68
CA LEU B 297 36.33 -14.77 6.93
C LEU B 297 36.20 -14.43 5.43
N TYR B 298 35.54 -13.32 5.09
CA TYR B 298 35.34 -12.85 3.70
C TYR B 298 36.70 -12.63 3.03
N ILE B 299 37.65 -12.04 3.76
CA ILE B 299 39.04 -11.77 3.26
C ILE B 299 39.74 -13.11 3.07
N GLU B 300 39.61 -14.03 4.04
CA GLU B 300 40.24 -15.38 4.03
C GLU B 300 39.72 -16.20 2.84
N LEU B 301 38.44 -16.06 2.49
CA LEU B 301 37.79 -16.81 1.39
C LEU B 301 38.07 -16.14 0.03
N GLY B 302 38.75 -14.98 0.03
CA GLY B 302 39.19 -14.27 -1.19
C GLY B 302 38.02 -13.74 -2.00
N LEU B 303 37.04 -13.14 -1.33
CA LEU B 303 35.78 -12.67 -1.98
C LEU B 303 36.03 -11.43 -2.85
N PRO B 304 36.92 -10.49 -2.47
CA PRO B 304 37.25 -9.37 -3.36
C PRO B 304 37.80 -9.81 -4.72
N ALA B 305 38.72 -10.78 -4.72
CA ALA B 305 39.29 -11.40 -5.95
C ALA B 305 38.18 -12.09 -6.75
N THR B 306 37.30 -12.82 -6.06
CA THR B 306 36.16 -13.57 -6.65
C THR B 306 35.17 -12.60 -7.30
N PHE B 307 34.93 -11.46 -6.67
CA PHE B 307 34.04 -10.39 -7.21
C PHE B 307 34.64 -9.82 -8.50
N ALA B 308 35.95 -9.53 -8.51
CA ALA B 308 36.68 -8.94 -9.67
C ALA B 308 36.51 -9.84 -10.90
N VAL B 309 36.61 -11.16 -10.71
CA VAL B 309 36.42 -12.18 -11.80
C VAL B 309 34.95 -12.15 -12.25
N TYR B 310 34.01 -12.20 -11.31
CA TYR B 310 32.55 -12.17 -11.61
C TYR B 310 32.21 -10.92 -12.42
N GLU B 311 32.72 -9.77 -12.00
CA GLU B 311 32.45 -8.44 -12.61
C GLU B 311 32.87 -8.45 -14.08
N GLU B 312 34.04 -9.02 -14.40
CA GLU B 312 34.59 -9.09 -15.78
C GLU B 312 33.70 -9.97 -16.66
N GLU B 313 33.37 -11.17 -16.19
CA GLU B 313 32.56 -12.17 -16.93
C GLU B 313 31.15 -11.61 -17.18
N SER B 314 30.51 -11.06 -16.14
CA SER B 314 29.15 -10.48 -16.19
C SER B 314 29.12 -9.32 -17.18
N PHE B 315 30.10 -8.43 -17.14
CA PHE B 315 30.24 -7.25 -18.04
C PHE B 315 30.23 -7.72 -19.50
N ASN B 316 31.07 -8.72 -19.83
CA ASN B 316 31.26 -9.25 -21.20
C ASN B 316 29.97 -9.94 -21.67
N ILE B 317 29.31 -10.70 -20.80
CA ILE B 317 28.03 -11.40 -21.10
C ILE B 317 26.94 -10.36 -21.40
N ILE B 318 26.79 -9.35 -20.53
CA ILE B 318 25.74 -8.29 -20.67
C ILE B 318 26.03 -7.46 -21.92
N ARG B 319 27.29 -7.08 -22.15
CA ARG B 319 27.72 -6.30 -23.35
C ARG B 319 27.30 -7.06 -24.61
N THR B 320 27.61 -8.36 -24.67
CA THR B 320 27.25 -9.27 -25.80
C THR B 320 25.73 -9.27 -25.98
N HIS B 321 24.96 -9.43 -24.90
CA HIS B 321 23.48 -9.54 -24.93
C HIS B 321 22.87 -8.23 -25.44
N ILE B 322 23.43 -7.07 -25.06
CA ILE B 322 22.96 -5.73 -25.51
C ILE B 322 23.14 -5.62 -27.03
N HIS B 323 24.29 -6.08 -27.55
CA HIS B 323 24.62 -6.10 -29.00
C HIS B 323 23.65 -7.02 -29.76
N GLN B 324 23.02 -7.98 -29.08
CA GLN B 324 22.09 -8.98 -29.67
C GLN B 324 20.63 -8.53 -29.55
N ILE B 325 20.35 -7.39 -28.91
CA ILE B 325 18.95 -6.91 -28.68
C ILE B 325 18.30 -6.62 -30.05
N SER B 326 17.18 -7.28 -30.30
CA SER B 326 16.41 -7.27 -31.57
C SER B 326 15.27 -6.25 -31.47
N LYS B 327 14.34 -6.27 -32.43
CA LYS B 327 13.04 -5.55 -32.40
C LYS B 327 13.27 -4.04 -32.51
N GLY B 328 14.43 -3.62 -33.05
CA GLY B 328 14.75 -2.23 -33.36
C GLY B 328 14.84 -1.33 -32.13
N LEU B 329 15.41 -1.83 -31.03
CA LEU B 329 15.66 -1.03 -29.80
C LEU B 329 17.04 -0.37 -29.90
N PRO B 330 17.20 0.86 -29.35
CA PRO B 330 18.50 1.52 -29.32
C PRO B 330 19.45 0.88 -28.29
N HIS B 331 20.54 0.28 -28.76
CA HIS B 331 21.58 -0.36 -27.92
C HIS B 331 22.19 0.67 -26.96
N ASP B 332 22.35 1.92 -27.43
CA ASP B 332 23.01 3.03 -26.70
C ASP B 332 22.32 3.27 -25.34
N LEU B 333 21.00 3.10 -25.25
CA LEU B 333 20.23 3.29 -23.99
C LEU B 333 20.78 2.34 -22.90
N PHE B 334 20.97 1.07 -23.26
CA PHE B 334 21.38 0.00 -22.31
C PHE B 334 22.85 0.19 -21.91
N PHE B 335 23.71 0.63 -22.84
CA PHE B 335 25.15 0.92 -22.58
C PHE B 335 25.26 2.11 -21.62
N LYS B 336 24.40 3.12 -21.78
CA LYS B 336 24.40 4.34 -20.93
C LYS B 336 23.99 3.97 -19.49
N ILE B 337 23.00 3.10 -19.34
CA ILE B 337 22.55 2.54 -18.02
C ILE B 337 23.68 1.68 -17.44
N MET B 338 24.21 0.75 -18.25
CA MET B 338 25.26 -0.23 -17.87
C MET B 338 26.56 0.51 -17.53
N LYS B 339 26.86 1.62 -18.22
CA LYS B 339 28.01 2.51 -17.93
C LYS B 339 27.85 3.09 -16.51
N LYS B 340 26.64 3.54 -16.17
CA LYS B 340 26.32 4.19 -14.87
C LYS B 340 26.56 3.21 -13.71
N ILE B 341 26.23 1.92 -13.91
CA ILE B 341 26.38 0.85 -12.88
C ILE B 341 27.87 0.55 -12.70
N TYR B 342 28.53 0.07 -13.77
CA TYR B 342 29.97 -0.28 -13.80
C TYR B 342 30.80 1.01 -13.76
MG MG C . -13.29 1.50 15.49
MG MG D . -8.61 0.27 14.41
MG MG E . -7.94 3.17 12.97
C1 IPE F . -14.32 -2.27 10.13
O1 IPE F . -15.38 -2.49 9.16
C2 IPE F . -13.58 -0.99 9.80
C3 IPE F . -14.41 0.25 9.82
C4 IPE F . -14.53 1.05 8.76
C5 IPE F . -15.11 0.55 11.12
PA IPE F . -16.41 -3.69 9.39
O1A IPE F . -17.03 -3.52 10.74
O2A IPE F . -17.30 -3.72 8.19
O3A IPE F . -15.46 -4.98 9.40
PB IPE F . -15.51 -6.46 8.75
O1B IPE F . -14.70 -7.33 9.67
O2B IPE F . -16.95 -6.88 8.68
O3B IPE F . -14.88 -6.33 7.39
C1 IPE G . -10.65 2.02 10.48
O1 IPE G . -11.29 2.72 11.55
C2 IPE G . -10.96 2.59 9.13
C3 IPE G . -10.01 2.06 8.09
C4 IPE G . -9.47 2.84 7.17
C5 IPE G . -9.69 0.59 8.20
PA IPE G . -11.12 2.09 13.00
O1A IPE G . -12.14 2.65 13.94
O2A IPE G . -9.68 2.13 13.34
O3A IPE G . -11.52 0.57 12.67
PB IPE G . -11.64 -0.68 13.66
O1B IPE G . -12.63 -0.22 14.72
O2B IPE G . -12.15 -1.85 12.87
O3B IPE G . -10.25 -0.89 14.21
MG MG H . 23.31 -2.53 0.00
MG MG I . 20.88 -0.24 4.57
MG MG J . 16.43 -2.21 4.79
MG MG K . 14.76 -4.91 3.84
C1 IPE L . 14.96 -3.23 0.30
O1 IPE L . 16.25 -2.81 0.80
C2 IPE L . 14.21 -2.03 -0.23
C3 IPE L . 13.02 -2.37 -1.07
C4 IPE L . 12.91 -1.98 -2.34
C5 IPE L . 11.94 -3.17 -0.39
PA IPE L . 17.04 -3.74 1.85
O1A IPE L . 16.31 -3.80 3.14
O2A IPE L . 17.43 -5.03 1.20
O3A IPE L . 18.37 -2.86 2.07
PB IPE L . 18.60 -1.34 2.58
O1B IPE L . 18.48 -0.47 1.35
O2B IPE L . 17.51 -1.05 3.59
O3B IPE L . 19.97 -1.33 3.19
#